data_7ZEC
#
_entry.id   7ZEC
#
loop_
_entity.id
_entity.type
_entity.pdbx_description
1 polymer 'ATP-binding/permease protein CydC'
2 polymer 'ATP-binding/permease protein CydD'
3 non-polymer 'HEME B/C'
4 non-polymer 'MAGNESIUM ION'
5 non-polymer "ADENOSINE-5'-TRIPHOSPHATE"
#
loop_
_entity_poly.entity_id
_entity_poly.type
_entity_poly.pdbx_seq_one_letter_code
_entity_poly.pdbx_strand_id
1 'polypeptide(L)'
;MRALLPYLALYKRHKWMLSLGIVLAIVTLLASIGLLTLSGWFLSASAVAGVAGLYSFNYMLPAAGVRGAAITRTAGRYFE
RLVSHDATFRVLQHLRIYTFSKLLPLSPAGLARYRQGELLNRVVADVDTLDHLYLRVISPLVGAFVVIMVVTIGLSFLDF
TLAFTLGGIMLLTLFLMPPLFYRAGKSTGQNLTHLRGQYRQQLTAWLQGQAELTIFGASDRYRTQLENTEIQWLEAQRRQ
SELTALSQAIMLLIGALAVILMLWMASGGVGGNAQPGALIALFVFCALAAFEALAPVTGAFQHLGQVIASAVRISDLTDQ
KPEVTFPDTQTRVADRVSLTLRDVQFTYPEQSQQALKGISLQVNAGEHIAILGRTGCGKSTLLQQLTRAWDPQQGEILLN
DSPIASLNEAALRQTISVVPQRVHLFSATLRDNLLLASPGSSDEALSEILRRVGLEKLLEDAGLNSWLGEGGRQLSGGEL
RRLAIARALLHDAPLVLLDEPTEGLDATTESQILELLAEMMREKTVLMVTHRLRGLSRFQQIIVMDNGQIIEQGTHAELL
ARQGRYYQFKQGL
;
C
2 'polypeptide(L)'
;MNKSRQKELTRWLKQQSVISQRWLNISRLLGFVSGILIIAQAWFMARILQHMIMENIPREALLLPFTLLVLTFVLRAWVV
WLRERVGYHAGQHIRFAIRRQVLDRLQQAGPAWIQGKPAGSWATLVLEQIDDMHDYYARYLPQMALAVSVPLLIVVAIFP
SNWAAALILLGTAPLIPLFMALVGMGAADANRRNFLALARLSGHFLDRLRGMETLRIFGRGEAEIESIRSASEDFRQRTM
EVLRLAFLSSGILEFFTSLSIALVAVYFGFSYLGELDFGHYDTGVTLAAGFLALILAPEFFQPLRDLGTFYHAKAQAVGA
ADSLKTFMETPLAHPQRGEAELASTDPVTIEAEELFITSPEGKTLAGPLNFTLPAGQRAVLVGRSGSGKSSLLNALSGFL
SYQGSLRINGIELRDLSPESWRKHLSWVGQNPQLPAATLRDNVLLARPDASEQELQAALDNAWVSEFLPLLPQGVDTPVG
DQAARLSVGQAQRVAVARALLNPCSLLLLDEPAASLDAHSEQRVMEALNAASLRQTTLMVTHQLEDLADWDVIWVMQDGR
IIEQGRYAELSVAGGPFATLLAHRQEEI
;
D
#
loop_
_chem_comp.id
_chem_comp.type
_chem_comp.name
_chem_comp.formula
ATP non-polymer ADENOSINE-5'-TRIPHOSPHATE 'C10 H16 N5 O13 P3'
HEB non-polymer 'HEME B/C' 'C34 H34 Fe N4 O4'
MG non-polymer 'MAGNESIUM ION' 'Mg 2'
#
# COMPACT_ATOMS: atom_id res chain seq x y z
N MET A 1 21.47 -15.53 -0.33
CA MET A 1 20.53 -15.14 -1.37
C MET A 1 19.95 -16.36 -2.09
N ARG A 2 19.97 -17.51 -1.41
CA ARG A 2 19.35 -18.71 -1.98
C ARG A 2 17.84 -18.61 -2.07
N ALA A 3 17.24 -17.61 -1.43
CA ALA A 3 15.79 -17.44 -1.48
C ALA A 3 15.31 -16.94 -2.84
N LEU A 4 16.20 -16.40 -3.66
CA LEU A 4 15.82 -15.86 -4.96
C LEU A 4 15.77 -16.91 -6.05
N LEU A 5 16.25 -18.12 -5.79
CA LEU A 5 16.29 -19.14 -6.84
C LEU A 5 14.92 -19.49 -7.42
N PRO A 6 13.84 -19.64 -6.64
CA PRO A 6 12.54 -19.94 -7.27
C PRO A 6 12.05 -18.84 -8.19
N TYR A 7 12.50 -17.61 -7.99
CA TYR A 7 12.08 -16.47 -8.79
C TYR A 7 13.07 -16.10 -9.88
N LEU A 8 14.36 -16.41 -9.70
CA LEU A 8 15.31 -16.26 -10.81
C LEU A 8 14.96 -17.21 -11.93
N ALA A 9 14.46 -18.41 -11.60
CA ALA A 9 14.04 -19.36 -12.62
C ALA A 9 12.79 -18.90 -13.35
N LEU A 10 12.04 -17.96 -12.79
CA LEU A 10 10.91 -17.38 -13.49
C LEU A 10 11.36 -16.53 -14.66
N TYR A 11 12.63 -16.11 -14.68
CA TYR A 11 13.15 -15.28 -15.75
C TYR A 11 13.32 -16.03 -17.05
N LYS A 12 13.22 -17.36 -16.99
CA LYS A 12 13.42 -18.21 -18.20
C LYS A 12 12.35 -17.94 -19.27
N ARG A 13 11.17 -17.44 -18.86
CA ARG A 13 10.12 -17.15 -19.82
C ARG A 13 10.52 -16.03 -20.76
N HIS A 14 11.14 -14.98 -20.22
CA HIS A 14 11.73 -13.90 -21.01
C HIS A 14 13.20 -13.78 -20.61
N LYS A 15 14.04 -14.62 -21.21
CA LYS A 15 15.47 -14.51 -20.97
C LYS A 15 16.18 -13.78 -22.10
N TRP A 16 15.50 -13.54 -23.22
CA TRP A 16 16.08 -12.72 -24.27
C TRP A 16 15.76 -11.25 -24.11
N MET A 17 14.56 -10.91 -23.66
CA MET A 17 14.27 -9.52 -23.35
C MET A 17 14.99 -9.06 -22.09
N LEU A 18 15.10 -9.93 -21.09
CA LEU A 18 15.76 -9.55 -19.85
C LEU A 18 17.27 -9.41 -20.04
N SER A 19 17.88 -10.33 -20.78
CA SER A 19 19.32 -10.25 -21.01
C SER A 19 19.67 -9.18 -22.04
N LEU A 20 18.77 -8.88 -22.98
CA LEU A 20 19.01 -7.77 -23.88
C LEU A 20 19.05 -6.45 -23.13
N GLY A 21 18.15 -6.27 -22.15
CA GLY A 21 18.14 -5.04 -21.40
C GLY A 21 19.43 -4.81 -20.63
N ILE A 22 20.03 -5.87 -20.11
CA ILE A 22 21.32 -5.76 -19.43
C ILE A 22 22.43 -5.48 -20.42
N VAL A 23 22.38 -6.11 -21.59
CA VAL A 23 23.39 -5.87 -22.62
C VAL A 23 23.37 -4.42 -23.09
N LEU A 24 22.17 -3.88 -23.30
CA LEU A 24 22.06 -2.50 -23.71
C LEU A 24 22.51 -1.54 -22.62
N ALA A 25 22.40 -1.95 -21.35
CA ALA A 25 22.89 -1.11 -20.26
C ALA A 25 24.40 -1.09 -20.21
N ILE A 26 25.05 -2.22 -20.51
CA ILE A 26 26.50 -2.28 -20.56
C ILE A 26 27.02 -1.51 -21.75
N VAL A 27 26.38 -1.68 -22.91
CA VAL A 27 26.84 -1.06 -24.15
C VAL A 27 26.75 0.45 -24.04
N THR A 28 25.73 0.97 -23.35
CA THR A 28 25.63 2.41 -23.14
C THR A 28 26.75 2.93 -22.26
N LEU A 29 27.14 2.17 -21.24
CA LEU A 29 28.20 2.61 -20.35
C LEU A 29 29.56 2.58 -21.04
N LEU A 30 29.80 1.57 -21.88
CA LEU A 30 31.07 1.50 -22.59
C LEU A 30 31.19 2.57 -23.65
N ALA A 31 30.06 3.03 -24.20
CA ALA A 31 30.10 4.18 -25.10
C ALA A 31 30.39 5.47 -24.34
N SER A 32 29.87 5.59 -23.12
CA SER A 32 30.22 6.75 -22.29
C SER A 32 31.69 6.75 -21.94
N ILE A 33 32.22 5.59 -21.54
CA ILE A 33 33.63 5.49 -21.21
C ILE A 33 34.48 5.59 -22.46
N GLY A 34 34.03 4.97 -23.55
CA GLY A 34 34.80 5.01 -24.79
C GLY A 34 34.90 6.41 -25.36
N LEU A 35 33.78 7.14 -25.37
CA LEU A 35 33.77 8.45 -26.00
C LEU A 35 34.67 9.44 -25.26
N LEU A 36 34.63 9.43 -23.94
CA LEU A 36 35.49 10.35 -23.18
C LEU A 36 36.94 9.90 -23.18
N THR A 37 37.21 8.59 -23.15
CA THR A 37 38.57 8.11 -23.27
C THR A 37 39.16 8.43 -24.63
N LEU A 38 38.38 8.24 -25.69
CA LEU A 38 38.86 8.53 -27.04
C LEU A 38 39.02 10.03 -27.25
N SER A 39 38.12 10.83 -26.66
CA SER A 39 38.27 12.28 -26.74
C SER A 39 39.51 12.74 -26.00
N GLY A 40 39.80 12.15 -24.84
CA GLY A 40 40.97 12.53 -24.09
C GLY A 40 42.26 12.19 -24.80
N TRP A 41 42.32 11.01 -25.41
CA TRP A 41 43.52 10.64 -26.16
C TRP A 41 43.68 11.50 -27.41
N PHE A 42 42.57 11.81 -28.08
CA PHE A 42 42.66 12.60 -29.32
C PHE A 42 43.23 13.98 -29.06
N LEU A 43 42.82 14.63 -27.97
CA LEU A 43 43.36 15.95 -27.64
C LEU A 43 44.86 15.89 -27.39
N SER A 44 45.29 14.96 -26.53
CA SER A 44 46.72 14.88 -26.22
C SER A 44 47.53 14.41 -27.42
N ALA A 45 47.00 13.46 -28.18
CA ALA A 45 47.74 12.97 -29.34
C ALA A 45 47.91 14.05 -30.39
N SER A 46 46.87 14.84 -30.64
CA SER A 46 46.97 15.93 -31.61
C SER A 46 47.76 17.10 -31.08
N ALA A 47 47.76 17.31 -29.75
CA ALA A 47 48.56 18.39 -29.17
C ALA A 47 50.04 18.12 -29.34
N VAL A 48 50.49 16.91 -29.02
CA VAL A 48 51.90 16.56 -29.18
C VAL A 48 52.28 16.50 -30.65
N ALA A 49 51.36 16.08 -31.52
CA ALA A 49 51.63 16.10 -32.94
C ALA A 49 51.85 17.52 -33.44
N GLY A 50 51.01 18.44 -32.99
CA GLY A 50 51.16 19.82 -33.40
C GLY A 50 50.81 20.01 -34.87
N VAL A 51 51.14 21.20 -35.36
CA VAL A 51 50.88 21.50 -36.77
C VAL A 51 51.77 20.66 -37.67
N ALA A 52 53.00 20.36 -37.25
CA ALA A 52 53.93 19.63 -38.09
C ALA A 52 53.42 18.23 -38.41
N GLY A 53 52.58 17.66 -37.56
CA GLY A 53 52.05 16.33 -37.79
C GLY A 53 50.66 16.33 -38.38
N LEU A 54 50.25 17.45 -38.98
CA LEU A 54 48.89 17.57 -39.48
C LEU A 54 48.59 16.56 -40.57
N TYR A 55 49.52 16.38 -41.51
CA TYR A 55 49.26 15.50 -42.65
C TYR A 55 49.38 14.03 -42.30
N SER A 56 50.17 13.69 -41.28
CA SER A 56 50.45 12.30 -40.94
C SER A 56 49.74 11.85 -39.67
N PHE A 57 48.69 12.55 -39.24
CA PHE A 57 48.05 12.18 -37.99
C PHE A 57 46.95 11.14 -38.17
N ASN A 58 46.26 11.13 -39.31
CA ASN A 58 45.16 10.19 -39.57
C ASN A 58 44.06 10.35 -38.51
N TYR A 59 43.42 11.51 -38.56
CA TYR A 59 42.33 11.85 -37.66
C TYR A 59 40.97 11.32 -38.13
N MET A 60 40.91 10.65 -39.28
CA MET A 60 39.63 10.12 -39.75
C MET A 60 39.21 8.90 -38.93
N LEU A 61 40.16 8.02 -38.59
CA LEU A 61 39.80 6.84 -37.80
C LEU A 61 39.25 7.19 -36.43
N PRO A 62 39.86 8.09 -35.65
CA PRO A 62 39.21 8.49 -34.38
C PRO A 62 37.83 9.10 -34.59
N ALA A 63 37.65 9.86 -35.67
CA ALA A 63 36.37 10.52 -35.89
C ALA A 63 35.27 9.50 -36.17
N ALA A 64 35.60 8.40 -36.83
CA ALA A 64 34.62 7.35 -37.04
C ALA A 64 34.26 6.64 -35.75
N GLY A 65 35.13 6.68 -34.74
CA GLY A 65 34.83 6.09 -33.46
C GLY A 65 34.08 7.05 -32.56
N VAL A 66 34.33 8.35 -32.76
CA VAL A 66 33.55 9.36 -32.04
C VAL A 66 32.12 9.40 -32.54
N ARG A 67 31.93 9.26 -33.85
CA ARG A 67 30.58 9.19 -34.39
C ARG A 67 29.85 7.94 -33.90
N GLY A 68 30.55 6.81 -33.84
CA GLY A 68 29.90 5.58 -33.42
C GLY A 68 29.63 5.52 -31.93
N ALA A 69 30.50 6.14 -31.14
CA ALA A 69 30.30 6.13 -29.69
C ALA A 69 29.20 7.07 -29.26
N ALA A 70 28.93 8.12 -30.04
CA ALA A 70 27.83 9.03 -29.73
C ALA A 70 26.48 8.44 -30.12
N ILE A 71 26.43 7.70 -31.22
CA ILE A 71 25.20 7.03 -31.63
C ILE A 71 24.89 5.86 -30.70
N THR A 72 25.92 5.10 -30.33
CA THR A 72 25.74 3.95 -29.45
C THR A 72 25.23 4.37 -28.08
N ARG A 73 25.73 5.50 -27.58
CA ARG A 73 25.27 6.03 -26.31
C ARG A 73 23.88 6.62 -26.42
N THR A 74 23.59 7.32 -27.51
CA THR A 74 22.27 7.94 -27.69
C THR A 74 21.19 6.89 -27.85
N ALA A 75 21.39 5.93 -28.76
CA ALA A 75 20.38 4.91 -29.00
C ALA A 75 20.38 3.84 -27.92
N GLY A 76 21.54 3.52 -27.36
CA GLY A 76 21.60 2.54 -26.30
C GLY A 76 20.83 2.96 -25.06
N ARG A 77 20.89 4.25 -24.72
CA ARG A 77 20.14 4.75 -23.58
C ARG A 77 18.64 4.70 -23.83
N TYR A 78 18.21 5.04 -25.05
CA TYR A 78 16.78 5.03 -25.35
C TYR A 78 16.22 3.62 -25.28
N PHE A 79 16.96 2.63 -25.78
CA PHE A 79 16.47 1.25 -25.77
C PHE A 79 16.80 0.53 -24.48
N GLU A 80 17.83 0.94 -23.76
CA GLU A 80 18.02 0.50 -22.38
C GLU A 80 16.74 0.70 -21.58
N ARG A 81 16.16 1.89 -21.71
CA ARG A 81 14.96 2.23 -20.95
C ARG A 81 13.75 1.46 -21.44
N LEU A 82 13.57 1.36 -22.75
CA LEU A 82 12.39 0.70 -23.29
C LEU A 82 12.42 -0.80 -23.02
N VAL A 83 13.55 -1.44 -23.30
CA VAL A 83 13.62 -2.89 -23.16
C VAL A 83 13.51 -3.29 -21.69
N SER A 84 14.21 -2.58 -20.81
CA SER A 84 14.21 -2.92 -19.40
C SER A 84 12.91 -2.56 -18.70
N HIS A 85 12.12 -1.65 -19.26
CA HIS A 85 10.80 -1.37 -18.69
C HIS A 85 9.77 -2.33 -19.22
N ASP A 86 9.81 -2.62 -20.51
CA ASP A 86 8.97 -3.67 -21.06
C ASP A 86 9.18 -4.97 -20.30
N ALA A 87 10.45 -5.35 -20.11
CA ALA A 87 10.76 -6.59 -19.43
C ALA A 87 10.36 -6.57 -17.96
N THR A 88 10.36 -5.40 -17.33
CA THR A 88 9.92 -5.31 -15.94
C THR A 88 8.42 -5.55 -15.83
N PHE A 89 7.65 -5.09 -16.81
CA PHE A 89 6.21 -5.30 -16.80
C PHE A 89 5.86 -6.74 -17.18
N ARG A 90 6.74 -7.42 -17.92
CA ARG A 90 6.54 -8.83 -18.23
C ARG A 90 6.90 -9.72 -17.04
N VAL A 91 7.94 -9.34 -16.30
CA VAL A 91 8.30 -10.05 -15.09
C VAL A 91 7.18 -9.93 -14.05
N LEU A 92 6.64 -8.73 -13.89
CA LEU A 92 5.57 -8.52 -12.92
C LEU A 92 4.33 -9.33 -13.29
N GLN A 93 4.02 -9.39 -14.58
CA GLN A 93 2.82 -10.14 -15.05
C GLN A 93 2.99 -11.62 -14.73
N HIS A 94 4.20 -12.16 -14.93
CA HIS A 94 4.47 -13.56 -14.68
C HIS A 94 4.64 -13.87 -13.20
N LEU A 95 5.00 -12.87 -12.41
CA LEU A 95 5.05 -13.04 -10.96
C LEU A 95 3.65 -13.07 -10.36
N ARG A 96 2.77 -12.19 -10.86
CA ARG A 96 1.40 -12.16 -10.37
C ARG A 96 0.66 -13.44 -10.71
N ILE A 97 0.91 -13.99 -11.89
CA ILE A 97 0.29 -15.26 -12.30
C ILE A 97 0.87 -16.41 -11.50
N TYR A 98 2.17 -16.41 -11.27
CA TYR A 98 2.80 -17.47 -10.49
C TYR A 98 2.32 -17.46 -9.05
N THR A 99 2.23 -16.27 -8.44
CA THR A 99 1.74 -16.18 -7.07
C THR A 99 0.29 -16.61 -6.96
N PHE A 100 -0.54 -16.16 -7.89
CA PHE A 100 -1.95 -16.53 -7.86
C PHE A 100 -2.13 -18.02 -8.10
N SER A 101 -1.40 -18.58 -9.05
CA SER A 101 -1.54 -19.99 -9.37
C SER A 101 -1.07 -20.90 -8.25
N LYS A 102 -0.29 -20.38 -7.32
CA LYS A 102 0.20 -21.16 -6.19
C LYS A 102 -0.56 -20.91 -4.90
N LEU A 103 -1.27 -19.79 -4.81
CA LEU A 103 -2.08 -19.50 -3.64
C LEU A 103 -3.51 -20.00 -3.76
N LEU A 104 -3.95 -20.40 -4.95
CA LEU A 104 -5.32 -20.84 -5.12
C LEU A 104 -5.54 -22.29 -4.72
N PRO A 105 -4.69 -23.24 -5.11
CA PRO A 105 -4.89 -24.63 -4.67
C PRO A 105 -4.87 -24.80 -3.16
N LEU A 106 -4.51 -23.77 -2.40
CA LEU A 106 -4.54 -23.78 -0.96
C LEU A 106 -5.31 -22.58 -0.44
N SER A 107 -6.44 -22.28 -1.08
CA SER A 107 -7.13 -21.02 -0.84
C SER A 107 -7.78 -20.93 0.54
N PRO A 108 -8.68 -21.82 0.96
CA PRO A 108 -9.34 -21.60 2.25
C PRO A 108 -8.43 -21.87 3.43
N ALA A 109 -7.63 -22.93 3.37
CA ALA A 109 -6.88 -23.41 4.52
C ALA A 109 -5.55 -22.68 4.71
N GLY A 110 -4.76 -22.57 3.65
CA GLY A 110 -3.40 -22.08 3.80
C GLY A 110 -3.33 -20.65 4.30
N LEU A 111 -4.24 -19.80 3.85
CA LEU A 111 -4.20 -18.38 4.18
C LEU A 111 -5.07 -18.01 5.38
N ALA A 112 -5.82 -18.99 5.89
CA ALA A 112 -6.74 -18.81 7.05
C ALA A 112 -6.06 -18.02 8.17
N ARG A 113 -4.79 -18.34 8.45
CA ARG A 113 -3.99 -17.68 9.51
C ARG A 113 -3.37 -16.38 8.99
N ARG A 115 -5.28 -13.04 10.79
CA ARG A 115 -5.79 -11.95 9.92
C ARG A 115 -5.40 -12.21 8.46
N GLN A 116 -6.38 -12.56 7.62
CA GLN A 116 -6.14 -12.85 6.18
C GLN A 116 -6.35 -11.56 5.38
N GLY A 117 -6.85 -10.52 6.05
CA GLY A 117 -7.08 -9.21 5.43
C GLY A 117 -5.81 -8.45 5.14
N GLU A 118 -4.89 -8.40 6.10
CA GLU A 118 -3.63 -7.69 5.95
C GLU A 118 -2.49 -8.57 5.48
N LEU A 119 -2.68 -9.88 5.46
CA LEU A 119 -1.74 -10.78 4.83
C LEU A 119 -1.61 -10.52 3.34
N LEU A 120 -2.73 -10.26 2.67
CA LEU A 120 -2.74 -10.06 1.23
C LEU A 120 -2.16 -8.72 0.81
N ASN A 121 -2.16 -7.73 1.69
CA ASN A 121 -1.49 -6.47 1.37
C ASN A 121 0.02 -6.63 1.36
N ARG A 122 0.54 -7.54 2.17
CA ARG A 122 1.96 -7.86 2.09
C ARG A 122 2.27 -8.68 0.85
N VAL A 123 1.37 -9.61 0.49
CA VAL A 123 1.57 -10.40 -0.72
C VAL A 123 1.61 -9.51 -1.94
N VAL A 124 0.72 -8.53 -2.01
CA VAL A 124 0.69 -7.60 -3.12
C VAL A 124 1.94 -6.74 -3.12
N ALA A 125 2.40 -6.33 -1.96
CA ALA A 125 3.61 -5.51 -1.85
C ALA A 125 4.88 -6.33 -2.04
N ASP A 126 4.85 -7.62 -1.70
CA ASP A 126 6.02 -8.46 -1.88
C ASP A 126 6.23 -8.85 -3.34
N VAL A 127 5.15 -9.03 -4.08
CA VAL A 127 5.28 -9.27 -5.52
C VAL A 127 5.82 -8.03 -6.22
N ASP A 128 5.42 -6.84 -5.75
CA ASP A 128 5.97 -5.62 -6.31
C ASP A 128 7.46 -5.50 -6.04
N THR A 129 7.90 -5.86 -4.84
CA THR A 129 9.31 -5.76 -4.48
C THR A 129 10.15 -6.77 -5.25
N LEU A 130 9.61 -7.98 -5.45
CA LEU A 130 10.31 -8.97 -6.26
C LEU A 130 10.43 -8.51 -7.70
N ASP A 131 9.50 -7.69 -8.17
CA ASP A 131 9.57 -7.15 -9.52
C ASP A 131 10.76 -6.22 -9.70
N HIS A 132 11.28 -5.66 -8.61
CA HIS A 132 12.39 -4.74 -8.64
C HIS A 132 13.74 -5.42 -8.73
N LEU A 133 13.79 -6.75 -8.61
CA LEU A 133 15.08 -7.43 -8.54
C LEU A 133 15.88 -7.24 -9.82
N TYR A 134 15.23 -7.08 -10.96
CA TYR A 134 15.94 -7.01 -12.23
C TYR A 134 16.52 -5.63 -12.46
N LEU A 135 15.68 -4.60 -12.54
CA LEU A 135 16.17 -3.27 -12.82
C LEU A 135 16.87 -2.65 -11.62
N ARG A 136 16.35 -2.85 -10.42
CA ARG A 136 16.92 -2.19 -9.26
C ARG A 136 18.13 -2.91 -8.69
N VAL A 137 18.30 -4.21 -8.96
CA VAL A 137 19.39 -4.94 -8.35
C VAL A 137 20.27 -5.62 -9.39
N ILE A 138 19.69 -6.51 -10.21
CA ILE A 138 20.50 -7.34 -11.10
C ILE A 138 21.16 -6.49 -12.18
N SER A 139 20.38 -5.65 -12.84
CA SER A 139 20.91 -4.87 -13.95
C SER A 139 22.06 -3.94 -13.54
N PRO A 140 22.00 -3.20 -12.42
CA PRO A 140 23.16 -2.38 -12.05
C PRO A 140 24.37 -3.18 -11.62
N LEU A 141 24.17 -4.27 -10.89
CA LEU A 141 25.30 -5.05 -10.38
C LEU A 141 25.97 -5.84 -11.49
N VAL A 142 25.19 -6.48 -12.35
CA VAL A 142 25.77 -7.21 -13.47
C VAL A 142 26.35 -6.23 -14.48
N GLY A 143 25.67 -5.12 -14.73
CA GLY A 143 26.19 -4.13 -15.65
C GLY A 143 27.51 -3.54 -15.20
N ALA A 144 27.63 -3.25 -13.90
CA ALA A 144 28.89 -2.70 -13.39
C ALA A 144 30.03 -3.69 -13.53
N PHE A 145 29.79 -4.96 -13.21
CA PHE A 145 30.86 -5.94 -13.28
C PHE A 145 31.34 -6.15 -14.72
N VAL A 146 30.41 -6.26 -15.67
CA VAL A 146 30.80 -6.49 -17.05
C VAL A 146 31.51 -5.26 -17.63
N VAL A 147 31.07 -4.07 -17.24
CA VAL A 147 31.74 -2.86 -17.70
C VAL A 147 33.16 -2.79 -17.16
N ILE A 148 33.36 -3.15 -15.89
CA ILE A 148 34.68 -3.09 -15.31
C ILE A 148 35.63 -4.06 -15.99
N MET A 149 35.17 -5.28 -16.27
CA MET A 149 36.04 -6.26 -16.92
C MET A 149 36.41 -5.82 -18.33
N VAL A 150 35.43 -5.30 -19.09
CA VAL A 150 35.71 -4.89 -20.46
C VAL A 150 36.71 -3.74 -20.47
N VAL A 151 36.57 -2.81 -19.53
CA VAL A 151 37.56 -1.75 -19.39
C VAL A 151 38.90 -2.33 -18.94
N THR A 152 38.89 -3.19 -17.91
CA THR A 152 40.14 -3.76 -17.41
C THR A 152 40.83 -4.61 -18.46
N ILE A 153 40.07 -5.42 -19.19
CA ILE A 153 40.68 -6.27 -20.20
C ILE A 153 41.18 -5.44 -21.38
N GLY A 154 40.34 -4.56 -21.89
CA GLY A 154 40.72 -3.80 -23.07
C GLY A 154 41.79 -2.78 -22.82
N LEU A 155 41.93 -2.32 -21.59
CA LEU A 155 42.91 -1.30 -21.26
C LEU A 155 44.26 -1.92 -20.93
N SER A 156 44.34 -3.24 -20.85
CA SER A 156 45.56 -3.97 -20.57
C SER A 156 46.39 -4.25 -21.82
N PHE A 157 45.85 -3.96 -23.01
CA PHE A 157 46.67 -4.02 -24.21
C PHE A 157 47.68 -2.89 -24.27
N LEU A 158 47.58 -1.94 -23.35
CA LEU A 158 48.55 -0.85 -23.21
C LEU A 158 49.54 -1.09 -22.07
N ASP A 159 49.04 -1.36 -20.87
CA ASP A 159 49.91 -1.62 -19.73
C ASP A 159 49.16 -2.51 -18.74
N PHE A 160 49.70 -3.70 -18.49
CA PHE A 160 49.03 -4.63 -17.57
C PHE A 160 48.97 -4.06 -16.16
N THR A 161 50.05 -3.44 -15.69
CA THR A 161 50.08 -2.92 -14.34
C THR A 161 49.03 -1.82 -14.16
N LEU A 162 48.91 -0.92 -15.13
CA LEU A 162 47.98 0.19 -15.02
C LEU A 162 46.54 -0.27 -15.16
N ALA A 163 46.29 -1.24 -16.04
CA ALA A 163 44.93 -1.75 -16.18
C ALA A 163 44.46 -2.45 -14.92
N PHE A 164 45.33 -3.22 -14.28
CA PHE A 164 44.93 -3.97 -13.11
C PHE A 164 44.77 -3.08 -11.89
N THR A 165 45.50 -1.98 -11.80
CA THR A 165 45.36 -1.09 -10.66
C THR A 165 44.17 -0.14 -10.80
N LEU A 166 43.59 -0.03 -11.99
CA LEU A 166 42.32 0.66 -12.14
C LEU A 166 41.15 -0.31 -11.97
N GLY A 167 41.22 -1.46 -12.63
CA GLY A 167 40.22 -2.48 -12.41
C GLY A 167 40.25 -3.05 -11.01
N GLY A 168 41.43 -3.18 -10.42
CA GLY A 168 41.51 -3.65 -9.05
C GLY A 168 40.84 -2.71 -8.07
N ILE A 169 41.02 -1.41 -8.26
CA ILE A 169 40.30 -0.44 -7.45
C ILE A 169 38.81 -0.53 -7.70
N MET A 170 38.42 -0.66 -8.96
CA MET A 170 37.01 -0.73 -9.30
C MET A 170 36.38 -2.05 -8.87
N LEU A 171 37.13 -3.16 -8.94
CA LEU A 171 36.57 -4.43 -8.49
C LEU A 171 36.51 -4.53 -6.98
N LEU A 172 37.44 -3.88 -6.27
CA LEU A 172 37.39 -3.89 -4.82
C LEU A 172 36.15 -3.16 -4.32
N THR A 173 35.82 -2.03 -4.92
CA THR A 173 34.69 -1.25 -4.44
C THR A 173 33.36 -1.74 -4.98
N LEU A 174 33.36 -2.72 -5.86
CA LEU A 174 32.12 -3.38 -6.25
C LEU A 174 31.81 -4.53 -5.31
N PHE A 175 32.85 -5.23 -4.84
CA PHE A 175 32.68 -6.42 -4.01
C PHE A 175 32.84 -6.16 -2.53
N LEU A 176 33.56 -5.11 -2.15
CA LEU A 176 33.82 -4.85 -0.74
C LEU A 176 32.98 -3.71 -0.17
N MET A 177 32.63 -2.73 -0.99
CA MET A 177 31.97 -1.55 -0.47
C MET A 177 30.47 -1.73 -0.26
N PRO A 178 29.73 -2.37 -1.16
CA PRO A 178 28.31 -2.58 -0.92
C PRO A 178 28.06 -3.46 0.30
N PRO A 179 28.75 -4.60 0.46
CA PRO A 179 28.54 -5.38 1.69
C PRO A 179 28.95 -4.67 2.97
N LEU A 180 29.99 -3.85 2.94
CA LEU A 180 30.41 -3.17 4.16
C LEU A 180 29.41 -2.12 4.62
N PHE A 181 28.59 -1.60 3.71
CA PHE A 181 27.57 -0.64 4.09
C PHE A 181 26.23 -1.29 4.40
N TYR A 182 25.93 -2.41 3.76
CA TYR A 182 24.76 -3.18 4.17
C TYR A 182 24.93 -3.70 5.58
N ARG A 183 26.13 -4.17 5.91
CA ARG A 183 26.41 -4.60 7.27
C ARG A 183 26.38 -3.43 8.24
N ALA A 184 26.89 -2.27 7.82
CA ALA A 184 26.98 -1.11 8.72
C ALA A 184 25.60 -0.64 9.14
N GLY A 185 24.65 -0.60 8.22
CA GLY A 185 23.31 -0.14 8.49
C GLY A 185 22.31 -1.21 8.88
N LYS A 186 22.76 -2.43 9.13
CA LYS A 186 21.85 -3.49 9.56
C LYS A 186 21.24 -3.19 10.92
N SER A 187 22.05 -2.67 11.85
CA SER A 187 21.53 -2.34 13.18
C SER A 187 20.50 -1.24 13.12
N THR A 188 20.73 -0.22 12.28
CA THR A 188 19.75 0.84 12.11
C THR A 188 18.59 0.43 11.23
N GLY A 189 18.82 -0.48 10.29
CA GLY A 189 17.72 -0.97 9.47
C GLY A 189 16.77 -1.87 10.22
N GLN A 190 17.25 -2.48 11.32
CA GLN A 190 16.36 -3.25 12.19
C GLN A 190 15.56 -2.35 13.10
N ASN A 191 16.22 -1.31 13.62
CA ASN A 191 15.58 -0.33 14.53
C ASN A 191 14.62 0.57 13.74
N LEU A 192 14.75 0.57 12.40
CA LEU A 192 13.88 1.37 11.56
C LEU A 192 12.59 0.64 11.26
N THR A 193 12.66 -0.68 11.12
CA THR A 193 11.46 -1.49 10.91
C THR A 193 10.68 -1.66 12.21
N HIS A 194 11.37 -1.71 13.35
CA HIS A 194 10.69 -1.82 14.63
C HIS A 194 9.85 -0.58 14.92
N LEU A 195 10.43 0.60 14.71
CA LEU A 195 9.73 1.84 15.00
C LEU A 195 8.66 2.18 13.97
N ARG A 196 8.78 1.64 12.76
CA ARG A 196 7.74 1.90 11.76
C ARG A 196 6.47 1.16 12.08
N GLY A 197 6.57 -0.12 12.43
CA GLY A 197 5.41 -0.90 12.80
C GLY A 197 4.85 -0.59 14.17
N GLN A 198 5.67 0.02 15.03
CA GLN A 198 5.16 0.53 16.29
C GLN A 198 4.35 1.81 16.09
N TYR A 199 4.79 2.66 15.17
CA TYR A 199 3.99 3.84 14.81
C TYR A 199 2.70 3.44 14.12
N ARG A 200 2.75 2.46 13.23
CA ARG A 200 1.53 2.01 12.57
C ARG A 200 0.57 1.40 13.57
N GLN A 201 1.09 0.65 14.53
CA GLN A 201 0.24 0.07 15.56
C GLN A 201 -0.39 1.15 16.42
N GLN A 202 0.38 2.16 16.79
CA GLN A 202 -0.13 3.23 17.64
C GLN A 202 -1.04 4.17 16.86
N LEU A 203 -0.74 4.44 15.60
CA LEU A 203 -1.62 5.26 14.78
C LEU A 203 -2.97 4.60 14.59
N THR A 204 -2.98 3.34 14.20
CA THR A 204 -4.23 2.64 13.93
C THR A 204 -5.09 2.55 15.18
N ALA A 205 -4.47 2.31 16.33
CA ALA A 205 -5.22 2.28 17.58
C ALA A 205 -5.70 3.65 18.01
N TRP A 206 -5.16 4.72 17.43
CA TRP A 206 -5.58 6.08 17.72
C TRP A 206 -6.69 6.54 16.80
N LEU A 207 -6.72 6.02 15.58
CA LEU A 207 -7.79 6.35 14.64
C LEU A 207 -9.00 5.46 14.85
N GLN A 208 -8.77 4.16 15.06
CA GLN A 208 -9.88 3.25 15.28
C GLN A 208 -10.58 3.55 16.60
N GLY A 209 -9.83 3.91 17.63
CA GLY A 209 -10.43 4.18 18.92
C GLY A 209 -10.62 5.65 19.20
N GLN A 210 -10.96 6.43 18.19
CA GLN A 210 -11.11 7.87 18.39
C GLN A 210 -12.40 8.20 19.14
N ALA A 211 -13.45 7.42 18.94
CA ALA A 211 -14.67 7.63 19.72
C ALA A 211 -14.42 7.34 21.20
N GLU A 212 -13.72 6.26 21.50
CA GLU A 212 -13.43 5.91 22.88
C GLU A 212 -12.45 6.90 23.51
N LEU A 213 -11.51 7.41 22.72
CA LEU A 213 -10.47 8.27 23.28
C LEU A 213 -11.00 9.66 23.58
N THR A 214 -11.84 10.22 22.70
CA THR A 214 -12.34 11.56 22.93
C THR A 214 -13.39 11.60 24.02
N ILE A 215 -14.20 10.54 24.15
CA ILE A 215 -15.25 10.52 25.16
C ILE A 215 -14.63 10.39 26.56
N PHE A 216 -13.58 9.59 26.68
CA PHE A 216 -12.94 9.37 27.97
C PHE A 216 -11.77 10.31 28.21
N GLY A 217 -11.61 11.32 27.37
CA GLY A 217 -10.62 12.36 27.59
C GLY A 217 -9.18 11.91 27.50
N ALA A 218 -8.88 11.00 26.57
CA ALA A 218 -7.54 10.46 26.44
C ALA A 218 -7.00 10.62 25.03
N SER A 219 -7.62 11.45 24.19
CA SER A 219 -7.19 11.56 22.81
C SER A 219 -5.90 12.35 22.67
N ASP A 220 -5.69 13.34 23.54
CA ASP A 220 -4.51 14.18 23.45
C ASP A 220 -3.27 13.47 23.95
N ARG A 221 -3.39 12.70 25.03
CA ARG A 221 -2.21 12.05 25.61
C ARG A 221 -1.82 10.77 24.89
N TYR A 222 -2.64 10.28 23.98
CA TYR A 222 -2.25 9.19 23.09
C TYR A 222 -1.73 9.69 21.76
N ARG A 223 -2.17 10.86 21.32
CA ARG A 223 -1.52 11.53 20.21
C ARG A 223 -0.11 11.96 20.57
N THR A 224 0.13 12.24 21.85
CA THR A 224 1.46 12.64 22.28
C THR A 224 2.44 11.47 22.22
N GLN A 225 1.98 10.31 22.69
CA GLN A 225 2.78 9.06 22.70
C GLN A 225 3.04 8.64 21.25
N LEU A 226 2.06 8.87 20.38
CA LEU A 226 2.14 8.56 18.95
C LEU A 226 3.10 9.50 18.25
N GLU A 227 3.07 10.78 18.60
CA GLU A 227 4.00 11.74 18.03
C GLU A 227 5.37 11.69 18.69
N ASN A 228 5.54 10.88 19.73
CA ASN A 228 6.87 10.58 20.25
C ASN A 228 7.50 9.38 19.56
N THR A 229 6.67 8.45 19.06
CA THR A 229 7.20 7.37 18.24
C THR A 229 7.62 7.87 16.87
N GLU A 230 6.97 8.93 16.38
CA GLU A 230 7.41 9.54 15.14
C GLU A 230 8.77 10.20 15.32
N ILE A 231 9.01 10.82 16.47
CA ILE A 231 10.29 11.45 16.73
C ILE A 231 11.40 10.41 16.80
N GLN A 232 11.14 9.28 17.43
CA GLN A 232 12.13 8.20 17.44
C GLN A 232 12.31 7.61 16.06
N TRP A 233 11.20 7.47 15.32
CA TRP A 233 11.27 6.95 13.96
C TRP A 233 12.04 7.90 13.04
N LEU A 234 11.79 9.20 13.16
CA LEU A 234 12.49 10.18 12.35
C LEU A 234 13.97 10.27 12.70
N GLU A 235 14.37 9.84 13.90
CA GLU A 235 15.78 9.80 14.25
C GLU A 235 16.47 8.57 13.70
N ALA A 236 15.77 7.44 13.65
CA ALA A 236 16.32 6.25 13.00
C ALA A 236 16.40 6.44 11.50
N GLN A 237 15.48 7.22 10.92
CA GLN A 237 15.56 7.55 9.51
C GLN A 237 16.70 8.48 9.21
N ARG A 238 17.04 9.37 10.14
CA ARG A 238 18.17 10.27 9.94
C ARG A 238 19.48 9.50 9.96
N ARG A 239 19.67 8.61 10.93
CA ARG A 239 20.89 7.82 11.01
C ARG A 239 21.05 6.89 9.82
N GLN A 240 19.96 6.58 9.12
CA GLN A 240 20.05 5.80 7.89
C GLN A 240 20.57 6.65 6.74
N SER A 241 20.20 7.94 6.70
CA SER A 241 20.75 8.86 5.73
C SER A 241 22.16 9.30 6.10
N GLU A 242 22.46 9.34 7.40
CA GLU A 242 23.81 9.65 7.85
C GLU A 242 24.81 8.67 7.27
N LEU A 243 24.34 7.46 6.94
CA LEU A 243 25.17 6.42 6.35
C LEU A 243 25.13 6.42 4.84
N THR A 244 24.00 6.79 4.24
CA THR A 244 23.93 6.93 2.79
C THR A 244 24.70 8.16 2.32
N ALA A 245 24.80 9.19 3.16
CA ALA A 245 25.65 10.32 2.83
C ALA A 245 27.12 9.95 2.91
N LEU A 246 27.46 8.96 3.72
CA LEU A 246 28.83 8.46 3.77
C LEU A 246 29.14 7.51 2.61
N SER A 247 28.16 6.76 2.14
CA SER A 247 28.42 5.85 1.02
C SER A 247 28.50 6.59 -0.29
N GLN A 248 28.10 7.86 -0.33
CA GLN A 248 28.24 8.66 -1.54
C GLN A 248 29.49 9.54 -1.51
N ALA A 249 29.96 9.90 -0.32
CA ALA A 249 31.20 10.64 -0.23
C ALA A 249 32.40 9.73 -0.42
N ILE A 250 32.30 8.48 0.06
CA ILE A 250 33.38 7.53 -0.12
C ILE A 250 33.47 7.09 -1.57
N MET A 251 32.33 6.90 -2.24
CA MET A 251 32.37 6.61 -3.67
C MET A 251 32.97 7.75 -4.47
N LEU A 252 32.90 8.97 -3.96
CA LEU A 252 33.57 10.08 -4.63
C LEU A 252 35.06 10.08 -4.35
N LEU A 253 35.47 9.65 -3.15
CA LEU A 253 36.88 9.61 -2.81
C LEU A 253 37.59 8.45 -3.49
N ILE A 254 36.91 7.32 -3.65
CA ILE A 254 37.51 6.20 -4.35
C ILE A 254 37.76 6.54 -5.81
N GLY A 255 36.75 7.07 -6.49
CA GLY A 255 36.92 7.49 -7.86
C GLY A 255 37.90 8.64 -8.02
N ALA A 256 38.12 9.40 -6.95
CA ALA A 256 39.18 10.39 -6.94
C ALA A 256 40.54 9.73 -6.76
N LEU A 257 40.60 8.65 -5.99
CA LEU A 257 41.84 7.92 -5.82
C LEU A 257 42.31 7.31 -7.13
N ALA A 258 41.39 6.78 -7.93
CA ALA A 258 41.78 6.18 -9.20
C ALA A 258 42.37 7.22 -10.14
N VAL A 259 41.79 8.42 -10.18
CA VAL A 259 42.31 9.48 -11.04
C VAL A 259 43.70 9.91 -10.58
N ILE A 260 43.89 10.06 -9.27
CA ILE A 260 45.22 10.41 -8.75
C ILE A 260 46.23 9.34 -9.08
N LEU A 261 45.86 8.07 -8.92
CA LEU A 261 46.80 7.00 -9.23
C LEU A 261 47.12 6.94 -10.71
N MET A 262 46.11 7.12 -11.57
CA MET A 262 46.38 7.13 -13.00
C MET A 262 47.27 8.30 -13.40
N LEU A 263 47.02 9.47 -12.81
CA LEU A 263 47.88 10.62 -13.09
C LEU A 263 49.30 10.36 -12.61
N TRP A 264 49.44 9.69 -11.46
CA TRP A 264 50.76 9.44 -10.91
C TRP A 264 51.42 8.22 -11.53
N MET A 265 50.73 7.08 -11.53
CA MET A 265 51.34 5.84 -11.99
C MET A 265 51.67 5.92 -13.48
N ALA A 266 50.76 6.47 -14.28
CA ALA A 266 51.02 6.59 -15.71
C ALA A 266 51.98 7.72 -16.05
N SER A 267 52.38 8.52 -15.06
CA SER A 267 53.44 9.50 -15.29
C SER A 267 54.78 8.80 -15.52
N GLY A 268 55.05 7.75 -14.75
CA GLY A 268 56.32 7.05 -14.89
C GLY A 268 56.45 6.37 -16.25
N GLY A 269 55.37 5.80 -16.74
CA GLY A 269 55.41 5.15 -18.04
C GLY A 269 54.25 4.23 -18.29
N VAL A 270 53.88 4.07 -19.56
CA VAL A 270 52.82 3.17 -19.98
C VAL A 270 53.46 2.13 -20.89
N GLY A 271 53.49 0.89 -20.44
CA GLY A 271 54.21 -0.13 -21.18
C GLY A 271 55.70 0.13 -21.16
N GLY A 272 56.35 -0.10 -22.30
CA GLY A 272 57.77 0.17 -22.40
C GLY A 272 58.14 1.60 -22.68
N ASN A 273 57.13 2.48 -22.74
CA ASN A 273 57.35 3.87 -23.10
C ASN A 273 57.80 4.65 -21.87
N ALA A 274 59.00 5.22 -21.93
CA ALA A 274 59.49 6.04 -20.82
C ALA A 274 58.64 7.28 -20.65
N GLN A 275 58.31 7.94 -21.76
CA GLN A 275 57.37 9.06 -21.74
C GLN A 275 56.10 8.67 -22.50
N PRO A 276 55.01 8.35 -21.81
CA PRO A 276 53.81 7.89 -22.51
C PRO A 276 53.24 8.91 -23.48
N GLY A 277 53.29 10.19 -23.14
CA GLY A 277 52.71 11.21 -23.98
C GLY A 277 51.20 11.19 -23.96
N ALA A 278 50.59 10.86 -25.10
CA ALA A 278 49.14 10.87 -25.21
C ALA A 278 48.49 9.80 -24.34
N LEU A 279 49.22 8.76 -23.97
CA LEU A 279 48.64 7.67 -23.21
C LEU A 279 48.40 8.02 -21.75
N ILE A 280 48.94 9.14 -21.27
CA ILE A 280 48.61 9.57 -19.92
C ILE A 280 47.15 9.98 -19.83
N ALA A 281 46.66 10.70 -20.84
CA ALA A 281 45.27 11.15 -20.85
C ALA A 281 44.30 10.01 -21.14
N LEU A 282 44.76 8.95 -21.78
CA LEU A 282 43.89 7.80 -22.03
C LEU A 282 43.49 7.14 -20.73
N PHE A 283 44.43 6.99 -19.80
CA PHE A 283 44.15 6.31 -18.54
C PHE A 283 43.45 7.24 -17.56
N VAL A 284 43.81 8.52 -17.54
CA VAL A 284 43.15 9.47 -16.65
C VAL A 284 41.69 9.63 -17.03
N PHE A 285 41.41 9.79 -18.32
CA PHE A 285 40.04 9.98 -18.78
C PHE A 285 39.24 8.70 -18.77
N CYS A 286 39.90 7.55 -18.71
CA CYS A 286 39.18 6.30 -18.48
C CYS A 286 38.77 6.17 -17.01
N ALA A 287 39.62 6.66 -16.11
CA ALA A 287 39.29 6.60 -14.69
C ALA A 287 38.21 7.62 -14.32
N LEU A 288 38.08 8.68 -15.11
CA LEU A 288 37.05 9.67 -14.84
C LEU A 288 35.66 9.15 -15.22
N ALA A 289 35.56 8.44 -16.32
CA ALA A 289 34.27 7.99 -16.82
C ALA A 289 33.88 6.62 -16.30
N ALA A 290 34.84 5.81 -15.83
CA ALA A 290 34.54 4.44 -15.46
C ALA A 290 33.78 4.34 -14.14
N PHE A 291 33.84 5.38 -13.32
CA PHE A 291 33.19 5.29 -12.03
C PHE A 291 31.73 5.72 -12.06
N GLU A 292 31.20 6.06 -13.24
CA GLU A 292 29.76 6.22 -13.40
C GLU A 292 29.06 4.88 -13.49
N ALA A 293 29.78 3.80 -13.81
CA ALA A 293 29.19 2.47 -13.79
C ALA A 293 29.00 1.96 -12.37
N LEU A 294 29.76 2.47 -11.42
CA LEU A 294 29.68 2.04 -10.03
C LEU A 294 28.70 2.85 -9.20
N ALA A 295 28.11 3.89 -9.76
CA ALA A 295 27.22 4.74 -8.98
C ALA A 295 26.03 4.00 -8.38
N PRO A 296 25.28 3.16 -9.12
CA PRO A 296 24.09 2.54 -8.53
C PRO A 296 24.38 1.39 -7.59
N VAL A 297 25.60 0.83 -7.57
CA VAL A 297 25.79 -0.51 -7.03
C VAL A 297 25.61 -0.54 -5.52
N THR A 298 26.03 0.50 -4.80
CA THR A 298 25.93 0.47 -3.36
C THR A 298 24.48 0.54 -2.91
N GLY A 299 23.66 1.33 -3.61
CA GLY A 299 22.23 1.35 -3.34
C GLY A 299 21.47 0.19 -3.95
N ALA A 300 22.07 -0.51 -4.92
CA ALA A 300 21.47 -1.71 -5.48
C ALA A 300 21.68 -2.93 -4.59
N PHE A 301 22.63 -2.86 -3.66
CA PHE A 301 22.80 -3.94 -2.70
C PHE A 301 21.90 -3.76 -1.48
N GLN A 302 21.61 -2.52 -1.10
CA GLN A 302 20.69 -2.29 0.01
C GLN A 302 19.31 -2.82 -0.33
N HIS A 303 18.84 -2.56 -1.55
CA HIS A 303 17.52 -3.01 -1.94
C HIS A 303 17.48 -4.51 -2.13
N LEU A 304 18.65 -5.14 -2.30
CA LEU A 304 18.73 -6.58 -2.38
C LEU A 304 18.32 -7.24 -1.07
N GLY A 305 18.55 -6.56 0.05
CA GLY A 305 18.07 -7.09 1.32
C GLY A 305 16.57 -7.10 1.40
N GLN A 306 15.92 -6.11 0.82
CA GLN A 306 14.46 -6.07 0.80
C GLN A 306 13.90 -7.12 -0.15
N VAL A 307 14.54 -7.32 -1.30
CA VAL A 307 14.05 -8.31 -2.26
C VAL A 307 14.18 -9.71 -1.70
N ILE A 308 15.27 -9.98 -0.98
CA ILE A 308 15.41 -11.29 -0.35
C ILE A 308 14.35 -11.48 0.73
N ALA A 309 14.12 -10.45 1.55
CA ALA A 309 13.12 -10.56 2.60
C ALA A 309 11.74 -10.81 2.01
N SER A 310 11.41 -10.14 0.91
CA SER A 310 10.15 -10.41 0.23
C SER A 310 10.11 -11.77 -0.45
N ALA A 311 11.27 -12.35 -0.76
CA ALA A 311 11.29 -13.64 -1.43
C ALA A 311 10.94 -14.77 -0.49
N VAL A 312 11.45 -14.72 0.76
CA VAL A 312 11.13 -15.78 1.71
C VAL A 312 9.67 -15.70 2.12
N ARG A 313 9.12 -14.49 2.24
CA ARG A 313 7.73 -14.34 2.62
C ARG A 313 6.81 -14.97 1.59
N ILE A 314 7.08 -14.76 0.31
CA ILE A 314 6.26 -15.35 -0.74
C ILE A 314 6.49 -16.85 -0.80
N SER A 315 7.72 -17.30 -0.61
CA SER A 315 8.01 -18.73 -0.66
C SER A 315 7.45 -19.46 0.55
N ASP A 316 7.31 -18.77 1.69
CA ASP A 316 6.69 -19.40 2.85
C ASP A 316 5.22 -19.70 2.58
N LEU A 317 4.57 -18.88 1.75
CA LEU A 317 3.17 -19.09 1.42
C LEU A 317 2.98 -20.08 0.29
N THR A 318 3.61 -19.82 -0.86
CA THR A 318 3.35 -20.62 -2.04
C THR A 318 3.88 -22.04 -1.89
N ASP A 319 4.99 -22.22 -1.19
CA ASP A 319 5.56 -23.56 -0.99
C ASP A 319 4.95 -24.24 0.24
N GLN A 320 3.63 -24.29 0.24
CA GLN A 320 2.84 -25.01 1.22
C GLN A 320 2.21 -26.22 0.55
N LYS A 321 1.83 -27.20 1.36
CA LYS A 321 1.18 -28.38 0.82
C LYS A 321 -0.33 -28.21 0.88
N PRO A 322 -1.03 -28.27 -0.26
CA PRO A 322 -2.49 -28.15 -0.22
C PRO A 322 -3.10 -29.29 0.57
N GLU A 323 -4.20 -28.98 1.25
CA GLU A 323 -4.82 -29.96 2.14
C GLU A 323 -5.59 -31.03 1.36
N VAL A 324 -6.08 -30.71 0.18
CA VAL A 324 -6.84 -31.65 -0.64
C VAL A 324 -6.18 -31.78 -2.00
N THR A 325 -6.13 -33.01 -2.50
CA THR A 325 -5.58 -33.29 -3.82
C THR A 325 -6.67 -33.90 -4.69
N PHE A 326 -6.94 -33.26 -5.80
CA PHE A 326 -8.02 -33.69 -6.69
C PHE A 326 -7.49 -34.66 -7.72
N PRO A 327 -8.08 -35.85 -7.85
CA PRO A 327 -7.62 -36.79 -8.87
C PRO A 327 -7.89 -36.27 -10.27
N ASP A 328 -7.00 -36.62 -11.18
CA ASP A 328 -7.15 -36.24 -12.59
C ASP A 328 -7.83 -37.38 -13.34
N THR A 329 -9.12 -37.51 -13.07
CA THR A 329 -9.98 -38.45 -13.77
C THR A 329 -11.00 -37.68 -14.58
N GLN A 330 -11.92 -38.42 -15.20
CA GLN A 330 -12.98 -37.81 -16.05
C GLN A 330 -14.35 -38.27 -15.54
N THR A 331 -15.24 -37.32 -15.25
CA THR A 331 -16.56 -37.62 -14.73
C THR A 331 -17.60 -36.80 -15.49
N ARG A 332 -18.79 -37.37 -15.65
CA ARG A 332 -19.93 -36.68 -16.22
C ARG A 332 -20.83 -36.20 -15.09
N VAL A 333 -21.12 -34.90 -15.06
CA VAL A 333 -21.91 -34.33 -13.97
C VAL A 333 -23.33 -34.85 -14.04
N ALA A 334 -23.84 -35.31 -12.90
CA ALA A 334 -25.18 -35.87 -12.83
C ALA A 334 -26.22 -34.75 -12.79
N ASP A 335 -27.40 -35.04 -13.36
CA ASP A 335 -28.49 -34.07 -13.29
C ASP A 335 -29.11 -34.03 -11.90
N ARG A 336 -29.09 -35.14 -11.18
CA ARG A 336 -29.62 -35.22 -9.82
C ARG A 336 -28.53 -35.74 -8.90
N VAL A 337 -28.35 -35.08 -7.77
CA VAL A 337 -27.34 -35.45 -6.79
C VAL A 337 -28.03 -35.80 -5.48
N SER A 338 -27.77 -37.01 -5.00
CA SER A 338 -28.22 -37.44 -3.68
C SER A 338 -27.01 -37.48 -2.77
N LEU A 339 -27.05 -36.71 -1.69
CA LEU A 339 -25.92 -36.55 -0.80
C LEU A 339 -26.13 -37.41 0.44
N THR A 340 -25.09 -38.16 0.81
CA THR A 340 -25.14 -38.98 2.01
C THR A 340 -23.84 -38.86 2.78
N LEU A 341 -23.94 -38.78 4.10
CA LEU A 341 -22.80 -38.60 4.99
C LEU A 341 -22.81 -39.68 6.05
N ARG A 342 -21.63 -40.13 6.46
CA ARG A 342 -21.51 -41.15 7.50
C ARG A 342 -20.34 -40.78 8.40
N ASP A 343 -20.64 -40.53 9.68
CA ASP A 343 -19.64 -40.35 10.74
C ASP A 343 -18.69 -39.19 10.37
N VAL A 344 -19.27 -38.00 10.33
CA VAL A 344 -18.50 -36.78 10.10
C VAL A 344 -18.95 -35.71 11.09
N LYS A 357 -18.38 -34.31 14.94
CA LYS A 357 -18.17 -35.39 15.89
C LYS A 357 -19.00 -36.62 15.52
N GLY A 358 -18.95 -37.01 14.25
CA GLY A 358 -19.61 -38.22 13.81
C GLY A 358 -21.10 -38.09 13.60
N ILE A 359 -21.51 -37.27 12.64
CA ILE A 359 -22.91 -37.11 12.27
C ILE A 359 -23.15 -37.83 10.95
N SER A 360 -24.27 -38.53 10.86
CA SER A 360 -24.65 -39.25 9.65
C SER A 360 -26.01 -38.74 9.19
N LEU A 361 -26.11 -38.39 7.92
CA LEU A 361 -27.36 -37.94 7.34
C LEU A 361 -27.42 -38.35 5.88
N GLN A 362 -28.63 -38.60 5.42
CA GLN A 362 -28.92 -39.00 4.01
C GLN A 362 -29.87 -37.97 3.41
N VAL A 363 -29.48 -37.35 2.29
CA VAL A 363 -30.27 -36.34 1.61
C VAL A 363 -30.63 -36.90 0.24
N ASN A 364 -31.88 -37.31 0.08
CA ASN A 364 -32.32 -37.83 -1.21
C ASN A 364 -32.32 -36.73 -2.26
N ALA A 365 -32.19 -37.14 -3.52
CA ALA A 365 -32.12 -36.17 -4.60
C ALA A 365 -33.44 -35.42 -4.72
N GLY A 366 -33.35 -34.11 -4.83
CA GLY A 366 -34.50 -33.27 -5.06
C GLY A 366 -35.20 -32.74 -3.83
N GLU A 367 -34.78 -33.13 -2.63
CA GLU A 367 -35.43 -32.65 -1.41
C GLU A 367 -34.55 -31.65 -0.70
N HIS A 368 -35.19 -30.70 -0.03
CA HIS A 368 -34.52 -29.65 0.72
C HIS A 368 -34.25 -30.12 2.14
N ILE A 369 -33.20 -29.57 2.75
CA ILE A 369 -32.80 -29.93 4.11
C ILE A 369 -32.39 -28.65 4.83
N ALA A 370 -32.78 -28.53 6.10
CA ALA A 370 -32.38 -27.41 6.93
C ALA A 370 -31.64 -27.91 8.15
N ILE A 371 -30.61 -27.18 8.55
CA ILE A 371 -29.81 -27.52 9.72
C ILE A 371 -29.89 -26.37 10.71
N LEU A 372 -30.28 -26.67 11.94
CA LEU A 372 -30.65 -25.65 12.92
C LEU A 372 -29.59 -25.46 14.00
N GLY A 373 -28.31 -25.56 13.65
CA GLY A 373 -27.27 -25.34 14.63
C GLY A 373 -27.24 -23.91 15.16
N ARG A 374 -27.20 -23.75 16.47
CA ARG A 374 -27.00 -22.42 17.05
C ARG A 374 -25.59 -21.92 16.75
N THR A 375 -25.49 -20.64 16.40
CA THR A 375 -24.19 -20.06 16.11
C THR A 375 -23.36 -19.94 17.39
N GLY A 376 -22.05 -20.04 17.23
CA GLY A 376 -21.16 -19.93 18.37
C GLY A 376 -21.04 -21.21 19.17
N CYS A 377 -22.17 -21.71 19.67
CA CYS A 377 -22.15 -22.99 20.37
C CYS A 377 -21.68 -24.11 19.44
N GLY A 378 -21.95 -23.99 18.14
CA GLY A 378 -21.41 -24.89 17.15
C GLY A 378 -21.34 -24.24 15.79
N LYS A 379 -20.17 -24.25 15.16
CA LYS A 379 -19.99 -23.70 13.82
C LYS A 379 -20.08 -24.81 12.80
N SER A 380 -20.87 -24.56 11.75
CA SER A 380 -21.09 -25.57 10.71
C SER A 380 -19.99 -25.46 9.66
N THR A 381 -18.90 -26.17 9.92
CA THR A 381 -17.90 -26.47 8.90
C THR A 381 -18.35 -27.60 7.98
N LEU A 382 -19.63 -27.96 8.04
CA LEU A 382 -20.15 -29.02 7.20
C LEU A 382 -20.13 -28.62 5.73
N LEU A 383 -20.45 -27.36 5.43
CA LEU A 383 -20.42 -26.91 4.04
C LEU A 383 -19.00 -26.70 3.55
N GLN A 384 -18.05 -26.50 4.47
CA GLN A 384 -16.67 -26.28 4.05
C GLN A 384 -16.02 -27.58 3.59
N GLN A 385 -16.25 -28.68 4.29
CA GLN A 385 -15.70 -29.95 3.83
C GLN A 385 -16.58 -30.63 2.80
N LEU A 386 -17.78 -30.11 2.54
CA LEU A 386 -18.59 -30.59 1.45
C LEU A 386 -18.17 -30.01 0.11
N THR A 387 -17.42 -28.90 0.12
CA THR A 387 -16.79 -28.35 -1.07
C THR A 387 -15.30 -28.66 -1.11
N ARG A 388 -14.84 -29.58 -0.28
CA ARG A 388 -13.45 -30.04 -0.28
C ARG A 388 -12.47 -28.91 0.04
N ALA A 389 -12.83 -28.09 1.03
CA ALA A 389 -11.85 -27.15 1.57
C ALA A 389 -10.80 -27.88 2.39
N TRP A 390 -11.21 -28.92 3.11
CA TRP A 390 -10.28 -29.83 3.76
C TRP A 390 -10.94 -31.20 3.83
N ASP A 391 -10.11 -32.23 3.90
CA ASP A 391 -10.61 -33.59 3.93
C ASP A 391 -11.27 -33.90 5.27
N PRO A 392 -12.33 -34.71 5.27
CA PRO A 392 -12.97 -35.09 6.54
C PRO A 392 -12.19 -36.21 7.21
N GLN A 393 -11.56 -35.88 8.34
CA GLN A 393 -10.82 -36.90 9.09
C GLN A 393 -11.75 -37.90 9.76
N GLN A 394 -12.95 -37.43 10.12
CA GLN A 394 -13.96 -38.24 10.86
C GLN A 394 -14.39 -39.49 10.09
N GLY A 395 -14.79 -39.34 8.83
CA GLY A 395 -15.34 -40.45 8.08
C GLY A 395 -15.48 -40.14 6.61
N GLU A 396 -16.51 -40.75 6.00
CA GLU A 396 -16.73 -40.70 4.54
C GLU A 396 -17.90 -39.81 4.15
N ILE A 397 -17.72 -39.06 3.05
CA ILE A 397 -18.73 -38.21 2.45
C ILE A 397 -18.96 -38.70 1.03
N LEU A 398 -20.19 -39.10 0.73
CA LEU A 398 -20.50 -39.67 -0.57
C LEU A 398 -21.44 -38.75 -1.33
N LEU A 399 -21.20 -38.61 -2.62
CA LEU A 399 -22.00 -37.75 -3.49
C LEU A 399 -22.57 -38.61 -4.61
N ASN A 400 -23.88 -38.78 -4.61
CA ASN A 400 -24.59 -39.61 -5.59
C ASN A 400 -24.07 -41.05 -5.55
N ASP A 401 -23.99 -41.61 -4.35
CA ASP A 401 -23.57 -42.99 -4.10
C ASP A 401 -22.12 -43.25 -4.49
N SER A 402 -21.33 -42.21 -4.67
CA SER A 402 -19.90 -42.32 -4.96
C SER A 402 -19.13 -41.39 -4.03
N PRO A 403 -17.90 -41.75 -3.68
CA PRO A 403 -17.10 -40.88 -2.80
C PRO A 403 -16.87 -39.52 -3.45
N ILE A 404 -16.88 -38.48 -2.61
CA ILE A 404 -16.67 -37.13 -3.13
C ILE A 404 -15.24 -36.93 -3.57
N ALA A 405 -14.30 -37.68 -3.00
CA ALA A 405 -12.90 -37.51 -3.34
C ALA A 405 -12.56 -38.00 -4.75
N SER A 406 -13.46 -38.76 -5.37
CA SER A 406 -13.18 -39.28 -6.70
C SER A 406 -13.51 -38.28 -7.80
N LEU A 407 -14.18 -37.19 -7.46
CA LEU A 407 -14.54 -36.19 -8.46
C LEU A 407 -13.37 -35.24 -8.69
N ASN A 408 -13.02 -35.03 -9.95
CA ASN A 408 -12.04 -34.00 -10.28
C ASN A 408 -12.65 -32.62 -10.02
N GLU A 409 -11.77 -31.63 -9.85
CA GLU A 409 -12.22 -30.31 -9.45
C GLU A 409 -13.17 -29.72 -10.49
N ALA A 410 -12.94 -30.00 -11.77
CA ALA A 410 -13.77 -29.42 -12.82
C ALA A 410 -15.21 -29.90 -12.71
N ALA A 411 -15.43 -31.13 -12.26
CA ALA A 411 -16.79 -31.64 -12.11
C ALA A 411 -17.34 -31.45 -10.71
N LEU A 412 -16.48 -31.37 -9.70
CA LEU A 412 -16.96 -31.07 -8.36
C LEU A 412 -17.59 -29.69 -8.31
N ARG A 413 -16.97 -28.71 -8.97
CA ARG A 413 -17.54 -27.37 -8.99
C ARG A 413 -18.88 -27.36 -9.71
N GLN A 414 -19.01 -28.12 -10.79
CA GLN A 414 -20.24 -28.08 -11.56
C GLN A 414 -21.39 -28.76 -10.82
N THR A 415 -21.08 -29.67 -9.90
CA THR A 415 -22.13 -30.42 -9.21
C THR A 415 -22.53 -29.82 -7.87
N ILE A 416 -21.88 -28.77 -7.41
CA ILE A 416 -22.23 -28.09 -6.17
C ILE A 416 -22.16 -26.60 -6.39
N SER A 417 -23.25 -25.89 -6.07
CA SER A 417 -23.27 -24.44 -6.11
C SER A 417 -23.47 -23.91 -4.70
N VAL A 418 -22.63 -22.97 -4.29
CA VAL A 418 -22.54 -22.52 -2.91
C VAL A 418 -22.88 -21.04 -2.86
N VAL A 419 -23.69 -20.66 -1.88
CA VAL A 419 -23.90 -19.25 -1.59
C VAL A 419 -23.25 -18.94 -0.24
N PRO A 420 -22.00 -18.52 -0.24
CA PRO A 420 -21.28 -18.35 1.02
C PRO A 420 -21.87 -17.20 1.82
N GLN A 421 -21.67 -17.27 3.14
CA GLN A 421 -22.20 -16.22 4.00
C GLN A 421 -21.55 -14.88 3.69
N ARG A 422 -20.27 -14.88 3.35
CA ARG A 422 -19.56 -13.68 2.95
C ARG A 422 -19.57 -13.61 1.43
N VAL A 423 -20.44 -12.76 0.89
CA VAL A 423 -20.52 -12.57 -0.55
C VAL A 423 -19.44 -11.61 -1.00
N HIS A 424 -18.68 -12.00 -2.02
CA HIS A 424 -17.58 -11.19 -2.52
C HIS A 424 -18.05 -10.40 -3.73
N LEU A 425 -17.89 -9.08 -3.67
CA LEU A 425 -18.26 -8.19 -4.76
C LEU A 425 -16.97 -7.73 -5.42
N PHE A 426 -16.68 -8.28 -6.60
CA PHE A 426 -15.44 -7.96 -7.28
C PHE A 426 -15.47 -6.54 -7.81
N SER A 427 -14.28 -5.93 -7.90
CA SER A 427 -14.12 -4.63 -8.53
C SER A 427 -14.28 -4.83 -10.03
N ALA A 428 -15.52 -4.96 -10.45
CA ALA A 428 -15.83 -5.24 -11.86
C ALA A 428 -17.28 -4.87 -12.12
N THR A 429 -17.67 -4.93 -13.38
CA THR A 429 -19.02 -4.60 -13.78
C THR A 429 -20.01 -5.58 -13.15
N LEU A 430 -21.29 -5.22 -13.20
CA LEU A 430 -22.31 -6.17 -12.77
C LEU A 430 -22.30 -7.41 -13.65
N ARG A 431 -21.95 -7.26 -14.92
CA ARG A 431 -21.88 -8.42 -15.81
C ARG A 431 -20.72 -9.34 -15.43
N ASP A 432 -19.59 -8.77 -15.00
CA ASP A 432 -18.45 -9.60 -14.63
C ASP A 432 -18.66 -10.32 -13.31
N ASN A 433 -19.55 -9.78 -12.47
CA ASN A 433 -19.84 -10.39 -11.14
C ASN A 433 -20.81 -11.58 -11.29
N LEU A 434 -21.47 -11.69 -12.45
CA LEU A 434 -22.40 -12.77 -12.70
C LEU A 434 -21.92 -13.75 -13.77
N LEU A 435 -21.12 -13.31 -14.73
CA LEU A 435 -20.43 -14.26 -15.59
C LEU A 435 -19.40 -15.08 -14.84
N LEU A 436 -19.07 -14.69 -13.61
CA LEU A 436 -18.33 -15.56 -12.71
C LEU A 436 -19.01 -16.93 -12.61
N ALA A 437 -20.31 -16.93 -12.34
CA ALA A 437 -21.02 -18.18 -12.09
C ALA A 437 -21.13 -19.02 -13.35
N SER A 438 -21.59 -18.43 -14.45
CA SER A 438 -21.67 -19.13 -15.73
C SER A 438 -20.74 -18.44 -16.72
N PRO A 439 -19.70 -19.11 -17.22
CA PRO A 439 -18.73 -18.43 -18.09
C PRO A 439 -19.35 -17.83 -19.33
N GLY A 440 -20.33 -18.51 -19.92
CA GLY A 440 -21.00 -17.96 -21.09
C GLY A 440 -22.51 -17.92 -20.91
N SER A 441 -23.06 -16.72 -20.80
CA SER A 441 -24.48 -16.53 -20.61
C SER A 441 -24.94 -15.39 -21.52
N SER A 442 -26.10 -15.56 -22.14
CA SER A 442 -26.62 -14.52 -23.01
C SER A 442 -26.86 -13.25 -22.20
N ASP A 443 -26.66 -12.10 -22.83
CA ASP A 443 -26.82 -10.84 -22.14
C ASP A 443 -28.26 -10.63 -21.67
N GLU A 444 -29.21 -11.32 -22.28
CA GLU A 444 -30.60 -11.28 -21.83
C GLU A 444 -30.89 -12.35 -20.79
N ALA A 445 -30.39 -13.57 -21.00
CA ALA A 445 -30.52 -14.60 -19.97
C ALA A 445 -29.83 -14.17 -18.68
N LEU A 446 -28.75 -13.41 -18.81
CA LEU A 446 -28.12 -12.82 -17.63
C LEU A 446 -29.05 -11.85 -16.94
N SER A 447 -29.76 -11.03 -17.71
CA SER A 447 -30.62 -10.00 -17.15
C SER A 447 -31.93 -10.56 -16.60
N GLU A 448 -32.35 -11.75 -17.06
CA GLU A 448 -33.56 -12.34 -16.52
C GLU A 448 -33.38 -12.74 -15.06
N ILE A 449 -32.20 -13.27 -14.71
CA ILE A 449 -31.97 -13.71 -13.34
C ILE A 449 -31.98 -12.52 -12.38
N LEU A 450 -31.48 -11.36 -12.83
CA LEU A 450 -31.52 -10.18 -11.97
C LEU A 450 -32.95 -9.79 -11.62
N ARG A 451 -33.86 -9.88 -12.59
CA ARG A 451 -35.26 -9.63 -12.29
C ARG A 451 -35.84 -10.68 -11.37
N ARG A 452 -35.46 -11.94 -11.57
CA ARG A 452 -36.03 -13.02 -10.77
C ARG A 452 -35.66 -12.89 -9.30
N VAL A 453 -34.42 -12.52 -9.00
CA VAL A 453 -33.95 -12.44 -7.63
C VAL A 453 -34.32 -11.10 -7.01
N GLY A 454 -35.12 -10.32 -7.73
CA GLY A 454 -35.51 -9.00 -7.24
C GLY A 454 -34.38 -8.00 -7.20
N LEU A 455 -33.52 -8.02 -8.22
CA LEU A 455 -32.43 -7.05 -8.35
C LEU A 455 -32.60 -6.23 -9.62
N GLU A 456 -33.84 -5.91 -9.96
CA GLU A 456 -34.09 -5.05 -11.11
C GLU A 456 -33.66 -3.61 -10.85
N LYS A 457 -33.50 -3.23 -9.58
CA LYS A 457 -33.01 -1.89 -9.28
C LYS A 457 -31.61 -1.69 -9.81
N LEU A 458 -30.77 -2.71 -9.72
CA LEU A 458 -29.41 -2.62 -10.26
C LEU A 458 -29.41 -2.48 -11.77
N LEU A 459 -30.50 -2.86 -12.43
CA LEU A 459 -30.62 -2.70 -13.87
C LEU A 459 -31.07 -1.30 -14.29
N GLU A 460 -31.52 -0.49 -13.34
CA GLU A 460 -32.10 0.80 -13.69
C GLU A 460 -31.04 1.74 -14.28
N ASP A 461 -29.92 1.89 -13.59
CA ASP A 461 -28.87 2.82 -14.01
C ASP A 461 -27.64 1.99 -14.35
N ALA A 462 -27.23 2.04 -15.63
CA ALA A 462 -26.07 1.30 -16.11
C ALA A 462 -26.17 -0.17 -15.72
N GLY A 463 -27.32 -0.76 -16.05
CA GLY A 463 -27.52 -2.17 -15.78
C GLY A 463 -26.53 -3.02 -16.56
N LEU A 464 -25.87 -3.96 -15.86
CA LEU A 464 -24.88 -4.86 -16.40
C LEU A 464 -23.64 -4.12 -16.89
N ASN A 465 -23.48 -2.85 -16.54
CA ASN A 465 -22.25 -2.14 -16.83
C ASN A 465 -21.81 -1.25 -15.68
N SER A 466 -22.57 -1.18 -14.60
CA SER A 466 -22.18 -0.35 -13.48
C SER A 466 -21.00 -0.98 -12.75
N TRP A 467 -19.98 -0.19 -12.46
CA TRP A 467 -18.84 -0.70 -11.72
C TRP A 467 -19.24 -0.98 -10.28
N LEU A 468 -18.90 -2.17 -9.79
CA LEU A 468 -19.19 -2.58 -8.43
C LEU A 468 -17.90 -2.73 -7.66
N GLY A 469 -17.97 -2.51 -6.35
CA GLY A 469 -16.83 -2.70 -5.49
C GLY A 469 -16.09 -1.40 -5.22
N GLU A 470 -14.76 -1.43 -5.35
CA GLU A 470 -13.96 -0.26 -5.03
C GLU A 470 -14.27 0.91 -5.95
N GLY A 471 -14.48 0.63 -7.24
CA GLY A 471 -14.77 1.70 -8.18
C GLY A 471 -16.04 2.45 -7.86
N GLY A 472 -17.03 1.75 -7.32
CA GLY A 472 -18.25 2.39 -6.90
C GLY A 472 -19.37 1.39 -6.74
N ARG A 473 -20.54 1.92 -6.37
CA ARG A 473 -21.77 1.14 -6.26
C ARG A 473 -21.61 -0.02 -5.27
N GLN A 474 -21.42 0.35 -4.01
CA GLN A 474 -21.42 -0.63 -2.94
C GLN A 474 -22.83 -1.15 -2.69
N LEU A 475 -22.96 -2.47 -2.60
CA LEU A 475 -24.25 -3.12 -2.41
C LEU A 475 -24.57 -3.26 -0.93
N SER A 476 -25.84 -3.11 -0.60
CA SER A 476 -26.30 -3.31 0.77
C SER A 476 -26.42 -4.80 1.07
N GLY A 477 -26.57 -5.12 2.35
CA GLY A 477 -26.59 -6.52 2.76
C GLY A 477 -27.71 -7.31 2.12
N GLY A 478 -28.91 -6.73 2.05
CA GLY A 478 -30.01 -7.43 1.42
C GLY A 478 -29.82 -7.60 -0.08
N GLU A 479 -29.26 -6.59 -0.74
CA GLU A 479 -29.00 -6.69 -2.17
C GLU A 479 -27.75 -7.52 -2.46
N LEU A 480 -26.92 -7.75 -1.45
CA LEU A 480 -25.69 -8.51 -1.67
C LEU A 480 -25.94 -10.00 -1.44
N ARG A 481 -26.88 -10.34 -0.57
CA ARG A 481 -27.37 -11.71 -0.48
C ARG A 481 -28.08 -12.13 -1.75
N ARG A 482 -28.88 -11.23 -2.32
CA ARG A 482 -29.57 -11.54 -3.57
C ARG A 482 -28.60 -11.79 -4.70
N LEU A 483 -27.43 -11.16 -4.67
CA LEU A 483 -26.43 -11.39 -5.71
C LEU A 483 -25.81 -12.76 -5.60
N ALA A 484 -25.57 -13.23 -4.38
CA ALA A 484 -25.04 -14.58 -4.21
C ALA A 484 -26.01 -15.62 -4.72
N ILE A 485 -27.30 -15.42 -4.46
CA ILE A 485 -28.32 -16.35 -4.98
C ILE A 485 -28.41 -16.26 -6.49
N ALA A 486 -28.22 -15.07 -7.06
CA ALA A 486 -28.18 -14.96 -8.52
C ALA A 486 -27.03 -15.76 -9.10
N ARG A 487 -25.87 -15.75 -8.44
CA ARG A 487 -24.74 -16.55 -8.89
C ARG A 487 -25.05 -18.04 -8.80
N ALA A 488 -25.67 -18.47 -7.70
CA ALA A 488 -26.02 -19.88 -7.57
C ALA A 488 -27.05 -20.30 -8.61
N LEU A 489 -28.02 -19.43 -8.90
CA LEU A 489 -29.04 -19.77 -9.89
C LEU A 489 -28.48 -19.76 -11.31
N LEU A 490 -27.53 -18.85 -11.58
CA LEU A 490 -26.87 -18.84 -12.89
C LEU A 490 -26.01 -20.08 -13.06
N HIS A 491 -25.19 -20.39 -12.07
CA HIS A 491 -24.32 -21.56 -12.08
C HIS A 491 -25.18 -22.76 -11.73
N ASP A 492 -25.83 -23.31 -12.74
CA ASP A 492 -26.77 -24.41 -12.54
C ASP A 492 -26.04 -25.64 -12.02
N ALA A 493 -26.33 -26.01 -10.78
CA ALA A 493 -25.78 -27.21 -10.18
C ALA A 493 -26.91 -27.96 -9.50
N PRO A 494 -26.90 -29.28 -9.56
CA PRO A 494 -27.96 -30.05 -8.89
C PRO A 494 -28.02 -29.86 -7.38
N LEU A 495 -26.89 -29.68 -6.72
CA LEU A 495 -26.83 -29.54 -5.27
C LEU A 495 -26.50 -28.10 -4.91
N VAL A 496 -27.27 -27.52 -3.99
CA VAL A 496 -27.08 -26.15 -3.56
C VAL A 496 -26.86 -26.13 -2.06
N LEU A 497 -25.83 -25.41 -1.62
CA LEU A 497 -25.49 -25.30 -0.20
C LEU A 497 -25.71 -23.86 0.23
N LEU A 498 -26.74 -23.63 1.04
CA LEU A 498 -27.07 -22.31 1.56
C LEU A 498 -26.36 -22.12 2.89
N ASP A 499 -25.44 -21.16 2.95
CA ASP A 499 -24.69 -20.91 4.18
C ASP A 499 -25.29 -19.67 4.84
N GLU A 500 -26.08 -19.90 5.89
CA GLU A 500 -26.78 -18.88 6.66
C GLU A 500 -27.31 -17.74 5.79
N PRO A 501 -28.25 -18.01 4.89
CA PRO A 501 -28.93 -16.93 4.20
C PRO A 501 -29.94 -16.29 5.14
N THR A 502 -30.39 -15.10 4.76
CA THR A 502 -31.39 -14.35 5.53
C THR A 502 -30.91 -14.08 6.95
N GLU A 503 -29.61 -13.91 7.12
CA GLU A 503 -29.02 -13.56 8.40
C GLU A 503 -28.52 -12.13 8.33
N GLY A 504 -28.97 -11.29 9.27
CA GLY A 504 -28.68 -9.88 9.23
C GLY A 504 -29.61 -9.08 8.34
N LEU A 505 -30.66 -9.68 7.81
CA LEU A 505 -31.62 -8.99 6.98
C LEU A 505 -32.94 -8.83 7.72
N ASP A 506 -33.73 -7.85 7.29
CA ASP A 506 -34.99 -7.53 7.93
C ASP A 506 -36.02 -8.60 7.61
N ALA A 507 -37.21 -8.44 8.20
CA ALA A 507 -38.26 -9.44 8.05
C ALA A 507 -38.81 -9.45 6.62
N THR A 508 -38.88 -8.29 5.98
CA THR A 508 -39.41 -8.24 4.62
C THR A 508 -38.47 -8.91 3.63
N THR A 509 -37.18 -8.60 3.71
CA THR A 509 -36.21 -9.22 2.80
C THR A 509 -36.07 -10.71 3.08
N GLU A 510 -36.04 -11.10 4.36
CA GLU A 510 -35.87 -12.50 4.70
C GLU A 510 -36.99 -13.35 4.12
N SER A 511 -38.23 -12.87 4.20
CA SER A 511 -39.34 -13.61 3.62
C SER A 511 -39.30 -13.59 2.10
N GLN A 512 -38.74 -12.53 1.51
CA GLN A 512 -38.63 -12.47 0.06
C GLN A 512 -37.63 -13.49 -0.47
N ILE A 513 -36.50 -13.65 0.22
CA ILE A 513 -35.47 -14.59 -0.21
C ILE A 513 -35.94 -16.03 -0.03
N LEU A 514 -36.59 -16.33 1.09
CA LEU A 514 -37.02 -17.69 1.35
C LEU A 514 -38.02 -18.16 0.29
N GLU A 515 -38.96 -17.31 -0.08
CA GLU A 515 -39.88 -17.64 -1.16
C GLU A 515 -39.15 -17.74 -2.49
N LEU A 516 -38.14 -16.89 -2.69
CA LEU A 516 -37.30 -16.99 -3.87
C LEU A 516 -36.56 -18.32 -3.91
N LEU A 517 -36.09 -18.78 -2.75
CA LEU A 517 -35.37 -20.05 -2.67
C LEU A 517 -36.25 -21.21 -3.07
N ALA A 518 -37.52 -21.21 -2.63
CA ALA A 518 -38.39 -22.35 -2.88
C ALA A 518 -38.85 -22.40 -4.33
N GLU A 519 -39.20 -21.24 -4.88
CA GLU A 519 -39.72 -21.16 -6.27
C GLU A 519 -38.63 -21.42 -7.30
N MET A 520 -37.45 -20.81 -7.12
CA MET A 520 -36.37 -20.95 -8.09
C MET A 520 -35.64 -22.27 -7.97
N MET A 521 -35.38 -22.73 -6.75
CA MET A 521 -34.69 -23.98 -6.50
C MET A 521 -35.73 -25.00 -6.05
N ARG A 522 -36.37 -25.65 -7.02
CA ARG A 522 -37.38 -26.65 -6.71
C ARG A 522 -36.97 -28.07 -7.11
N GLU A 523 -36.23 -28.22 -8.20
CA GLU A 523 -35.70 -29.51 -8.61
C GLU A 523 -34.24 -29.69 -8.20
N LYS A 524 -33.79 -28.94 -7.21
CA LYS A 524 -32.41 -29.00 -6.74
C LYS A 524 -32.37 -29.51 -5.31
N THR A 525 -31.30 -30.23 -4.99
CA THR A 525 -31.06 -30.73 -3.65
C THR A 525 -30.45 -29.60 -2.81
N VAL A 526 -31.27 -29.00 -1.96
CA VAL A 526 -30.86 -27.82 -1.19
C VAL A 526 -30.55 -28.24 0.23
N LEU A 527 -29.34 -27.95 0.69
CA LEU A 527 -28.92 -28.17 2.06
C LEU A 527 -28.64 -26.82 2.69
N MET A 528 -29.49 -26.40 3.61
CA MET A 528 -29.46 -25.08 4.19
C MET A 528 -28.93 -25.13 5.61
N VAL A 529 -27.99 -24.24 5.92
CA VAL A 529 -27.49 -24.11 7.28
C VAL A 529 -27.98 -22.79 7.84
N THR A 530 -28.85 -22.84 8.84
CA THR A 530 -29.48 -21.63 9.36
C THR A 530 -29.55 -21.70 10.88
N HIS A 531 -29.57 -20.54 11.53
CA HIS A 531 -29.87 -20.45 12.94
C HIS A 531 -31.13 -19.67 13.22
N ARG A 532 -31.96 -19.43 12.20
CA ARG A 532 -33.27 -18.82 12.36
C ARG A 532 -34.32 -19.92 12.43
N LEU A 533 -35.60 -19.54 12.35
CA LEU A 533 -36.68 -20.50 12.27
C LEU A 533 -37.74 -20.10 11.25
N ARG A 534 -37.44 -19.11 10.41
CA ARG A 534 -38.43 -18.60 9.47
C ARG A 534 -38.52 -19.52 8.26
N GLY A 535 -39.73 -19.92 7.91
CA GLY A 535 -39.94 -20.69 6.70
C GLY A 535 -39.38 -22.09 6.71
N LEU A 536 -39.24 -22.72 7.87
CA LEU A 536 -38.75 -24.09 7.92
C LEU A 536 -39.83 -25.12 7.67
N SER A 537 -41.10 -24.71 7.62
CA SER A 537 -42.15 -25.67 7.29
C SER A 537 -41.99 -26.18 5.85
N ARG A 538 -41.57 -25.31 4.94
CA ARG A 538 -41.38 -25.71 3.55
C ARG A 538 -40.27 -26.74 3.43
N PHE A 539 -39.19 -26.58 4.18
CA PHE A 539 -38.10 -27.54 4.17
C PHE A 539 -38.57 -28.85 4.78
N GLN A 540 -38.28 -29.96 4.10
CA GLN A 540 -38.55 -31.26 4.68
C GLN A 540 -37.31 -31.80 5.36
N GLN A 541 -37.53 -32.61 6.41
CA GLN A 541 -36.46 -33.24 7.16
C GLN A 541 -35.50 -32.19 7.74
N ILE A 542 -36.05 -31.41 8.68
CA ILE A 542 -35.26 -30.44 9.42
C ILE A 542 -34.30 -31.18 10.34
N ILE A 543 -33.04 -30.77 10.33
CA ILE A 543 -32.00 -31.33 11.19
C ILE A 543 -31.65 -30.29 12.25
N VAL A 544 -31.68 -30.69 13.51
CA VAL A 544 -31.30 -29.80 14.61
C VAL A 544 -30.11 -30.44 15.33
N MET A 545 -29.03 -29.67 15.48
CA MET A 545 -27.80 -30.21 16.05
C MET A 545 -27.14 -29.17 16.95
N ASP A 546 -26.43 -29.65 17.96
CA ASP A 546 -25.64 -28.78 18.83
C ASP A 546 -24.24 -29.35 18.96
N ASN A 547 -23.24 -28.51 18.71
CA ASN A 547 -21.84 -28.92 18.82
C ASN A 547 -21.56 -30.18 18.00
N GLY A 548 -22.13 -30.23 16.80
CA GLY A 548 -21.94 -31.38 15.92
C GLY A 548 -22.58 -32.66 16.41
N GLN A 549 -23.80 -32.59 16.93
CA GLN A 549 -24.51 -33.78 17.37
C GLN A 549 -26.01 -33.57 17.14
N ILE A 550 -26.56 -34.32 16.19
CA ILE A 550 -27.95 -34.16 15.80
C ILE A 550 -28.83 -34.64 16.95
N ILE A 551 -29.57 -33.72 17.57
CA ILE A 551 -30.45 -34.12 18.67
C ILE A 551 -31.58 -34.97 18.14
N GLU A 552 -32.25 -34.50 17.09
CA GLU A 552 -33.27 -35.27 16.40
C GLU A 552 -33.50 -34.63 15.03
N GLN A 553 -34.47 -35.15 14.28
CA GLN A 553 -34.72 -34.69 12.93
C GLN A 553 -36.13 -35.08 12.52
N GLY A 554 -36.50 -34.69 11.31
CA GLY A 554 -37.83 -34.97 10.78
C GLY A 554 -38.45 -33.76 10.13
N THR A 555 -39.65 -33.91 9.58
CA THR A 555 -40.33 -32.78 8.97
C THR A 555 -40.83 -31.82 10.05
N HIS A 556 -41.42 -30.71 9.61
CA HIS A 556 -41.86 -29.69 10.56
C HIS A 556 -42.92 -30.24 11.51
N ALA A 557 -43.86 -31.01 10.98
CA ALA A 557 -44.91 -31.58 11.83
C ALA A 557 -44.34 -32.60 12.80
N GLU A 558 -43.39 -33.41 12.35
CA GLU A 558 -42.84 -34.47 13.19
C GLU A 558 -42.16 -33.91 14.43
N LEU A 559 -41.42 -32.81 14.27
CA LEU A 559 -40.72 -32.21 15.40
C LEU A 559 -41.70 -31.69 16.44
N LEU A 560 -42.78 -31.04 16.01
CA LEU A 560 -43.76 -30.53 16.95
C LEU A 560 -44.47 -31.65 17.70
N ALA A 561 -44.79 -32.73 17.00
CA ALA A 561 -45.52 -33.83 17.64
C ALA A 561 -44.69 -34.50 18.73
N ARG A 562 -43.40 -34.72 18.47
CA ARG A 562 -42.55 -35.42 19.42
C ARG A 562 -42.12 -34.54 20.60
N GLN A 563 -42.37 -33.24 20.53
CA GLN A 563 -42.02 -32.31 21.61
C GLN A 563 -40.52 -32.38 21.92
N GLY A 564 -39.70 -32.34 20.88
CA GLY A 564 -38.27 -32.37 21.02
C GLY A 564 -37.71 -30.98 21.26
N ARG A 565 -36.44 -30.80 20.90
CA ARG A 565 -35.80 -29.52 21.08
C ARG A 565 -36.36 -28.47 20.13
N TYR A 566 -36.87 -28.89 18.97
CA TYR A 566 -37.49 -27.94 18.05
C TYR A 566 -38.79 -27.40 18.62
N TYR A 567 -39.46 -28.16 19.48
CA TYR A 567 -40.71 -27.68 20.06
C TYR A 567 -40.47 -26.54 21.03
N GLN A 568 -39.47 -26.67 21.90
CA GLN A 568 -39.20 -25.61 22.87
C GLN A 568 -38.62 -24.38 22.19
N PHE A 569 -37.96 -24.55 21.04
CA PHE A 569 -37.49 -23.40 20.28
C PHE A 569 -38.66 -22.54 19.83
N LYS A 570 -39.72 -23.17 19.34
CA LYS A 570 -40.91 -22.44 18.91
C LYS A 570 -41.69 -21.85 20.07
N GLN A 571 -41.40 -22.28 21.31
CA GLN A 571 -42.08 -21.75 22.48
C GLN A 571 -41.39 -20.53 23.08
N GLY A 572 -40.26 -20.11 22.51
CA GLY A 572 -39.53 -18.99 23.06
C GLY A 572 -38.60 -19.32 24.21
N LEU A 573 -38.41 -20.60 24.51
CA LEU A 573 -37.51 -21.01 25.59
C LEU A 573 -36.10 -21.24 25.08
N MET B 1 -0.69 29.04 -15.01
CA MET B 1 0.14 28.54 -16.10
C MET B 1 -0.56 27.39 -16.82
N ASN B 2 -0.21 26.17 -16.43
CA ASN B 2 -0.71 24.96 -17.07
C ASN B 2 -1.81 24.34 -16.23
N LYS B 3 -2.84 23.84 -16.91
CA LYS B 3 -4.03 23.30 -16.25
C LYS B 3 -3.98 21.79 -16.05
N SER B 4 -2.86 21.14 -16.37
CA SER B 4 -2.77 19.71 -16.15
C SER B 4 -2.68 19.39 -14.67
N ARG B 5 -3.07 18.16 -14.33
CA ARG B 5 -3.06 17.65 -12.93
C ARG B 5 -1.60 17.47 -12.49
N GLN B 6 -0.70 17.23 -13.45
CA GLN B 6 0.74 17.05 -13.16
C GLN B 6 1.30 18.36 -12.59
N LYS B 7 0.92 19.49 -13.21
CA LYS B 7 1.41 20.78 -12.75
C LYS B 7 0.65 21.28 -11.54
N GLU B 8 -0.62 20.91 -11.40
CA GLU B 8 -1.40 21.30 -10.24
C GLU B 8 -0.93 20.59 -8.99
N LEU B 9 -0.54 19.32 -9.12
CA LEU B 9 -0.01 18.57 -7.98
C LEU B 9 1.43 18.99 -7.68
N THR B 10 2.22 19.27 -8.70
CA THR B 10 3.59 19.72 -8.49
C THR B 10 3.63 21.10 -7.86
N ARG B 11 2.66 21.96 -8.18
CA ARG B 11 2.57 23.25 -7.50
C ARG B 11 2.25 23.06 -6.01
N TRP B 12 1.37 22.10 -5.69
CA TRP B 12 1.08 21.82 -4.29
C TRP B 12 2.31 21.30 -3.58
N LEU B 13 3.10 20.48 -4.25
CA LEU B 13 4.29 19.91 -3.62
C LEU B 13 5.28 21.01 -3.23
N LYS B 14 5.42 22.03 -4.07
CA LYS B 14 6.36 23.10 -3.77
C LYS B 14 5.83 24.06 -2.71
N GLN B 15 4.52 24.25 -2.61
CA GLN B 15 3.97 25.10 -1.57
C GLN B 15 4.19 24.51 -0.19
N GLN B 16 4.26 23.18 -0.08
CA GLN B 16 4.56 22.54 1.19
C GLN B 16 6.02 22.59 1.53
N SER B 17 6.88 23.06 0.63
CA SER B 17 8.31 23.03 0.84
C SER B 17 8.85 24.24 1.60
N VAL B 18 8.02 25.26 1.84
CA VAL B 18 8.49 26.43 2.59
C VAL B 18 8.66 26.14 4.06
N ILE B 19 8.20 24.98 4.53
CA ILE B 19 8.42 24.60 5.92
C ILE B 19 9.91 24.46 6.20
N SER B 20 10.64 24.01 5.19
CA SER B 20 12.11 23.80 5.32
C SER B 20 12.85 24.55 4.21
N GLN B 21 12.52 25.83 4.01
CA GLN B 21 13.23 26.70 3.02
C GLN B 21 14.67 26.89 3.49
N ARG B 22 14.86 27.01 4.81
CA ARG B 22 16.21 27.19 5.42
C ARG B 22 17.15 26.08 4.91
N TRP B 23 16.69 24.83 4.88
CA TRP B 23 17.54 23.73 4.44
C TRP B 23 17.66 23.69 2.92
N LEU B 24 16.60 24.03 2.20
CA LEU B 24 16.68 24.05 0.75
C LEU B 24 17.52 25.19 0.25
N ASN B 25 17.81 26.18 1.09
CA ASN B 25 18.69 27.27 0.71
C ASN B 25 20.14 26.93 1.02
N ILE B 26 20.38 26.21 2.11
CA ILE B 26 21.73 25.72 2.40
C ILE B 26 22.16 24.71 1.34
N SER B 27 21.25 23.84 0.92
CA SER B 27 21.57 22.87 -0.12
C SER B 27 21.81 23.55 -1.45
N ARG B 28 21.19 24.71 -1.68
CA ARG B 28 21.44 25.48 -2.90
C ARG B 28 22.79 26.18 -2.83
N LEU B 29 23.14 26.72 -1.66
CA LEU B 29 24.46 27.33 -1.49
C LEU B 29 25.56 26.29 -1.66
N LEU B 30 25.38 25.10 -1.08
CA LEU B 30 26.37 24.05 -1.23
C LEU B 30 26.43 23.51 -2.65
N GLY B 31 25.42 23.76 -3.47
CA GLY B 31 25.52 23.40 -4.87
C GLY B 31 26.43 24.33 -5.64
N PHE B 32 26.48 25.61 -5.25
CA PHE B 32 27.45 26.52 -5.84
C PHE B 32 28.86 26.14 -5.44
N VAL B 33 29.05 25.65 -4.22
CA VAL B 33 30.37 25.20 -3.78
C VAL B 33 30.78 23.94 -4.52
N SER B 34 29.82 23.05 -4.78
CA SER B 34 30.13 21.88 -5.61
C SER B 34 30.52 22.28 -7.01
N GLY B 35 29.86 23.29 -7.57
CA GLY B 35 30.22 23.76 -8.90
C GLY B 35 31.60 24.40 -8.94
N ILE B 36 31.97 25.11 -7.87
CA ILE B 36 33.29 25.72 -7.80
C ILE B 36 34.37 24.67 -7.61
N LEU B 37 34.11 23.68 -6.76
CA LEU B 37 35.09 22.63 -6.52
C LEU B 37 35.19 21.67 -7.69
N ILE B 38 34.17 21.57 -8.54
CA ILE B 38 34.30 20.80 -9.76
C ILE B 38 35.21 21.52 -10.75
N ILE B 39 35.07 22.84 -10.84
CA ILE B 39 35.89 23.62 -11.78
C ILE B 39 37.33 23.67 -11.33
N ALA B 40 37.57 23.84 -10.04
CA ALA B 40 38.94 23.83 -9.52
C ALA B 40 39.57 22.46 -9.71
N GLN B 41 38.81 21.40 -9.49
CA GLN B 41 39.31 20.05 -9.72
C GLN B 41 39.70 19.84 -11.18
N ALA B 42 38.88 20.35 -12.11
CA ALA B 42 39.21 20.21 -13.52
C ALA B 42 40.37 21.08 -13.93
N TRP B 43 40.53 22.25 -13.30
CA TRP B 43 41.63 23.14 -13.67
C TRP B 43 42.97 22.60 -13.20
N PHE B 44 42.99 21.90 -12.06
CA PHE B 44 44.23 21.28 -11.61
C PHE B 44 44.58 20.06 -12.43
N MET B 45 43.60 19.24 -12.79
CA MET B 45 43.87 18.07 -13.63
C MET B 45 44.38 18.49 -14.99
N ALA B 46 43.79 19.53 -15.58
CA ALA B 46 44.26 20.03 -16.86
C ALA B 46 45.65 20.63 -16.74
N ARG B 47 45.92 21.33 -15.65
CA ARG B 47 47.23 21.96 -15.46
C ARG B 47 48.31 20.92 -15.22
N ILE B 48 47.96 19.83 -14.52
CA ILE B 48 48.91 18.74 -14.33
C ILE B 48 49.14 18.00 -15.64
N LEU B 49 48.07 17.70 -16.37
CA LEU B 49 48.19 16.90 -17.58
C LEU B 49 48.96 17.62 -18.66
N GLN B 50 48.87 18.94 -18.73
CA GLN B 50 49.65 19.69 -19.72
C GLN B 50 51.14 19.60 -19.43
N HIS B 51 51.52 19.71 -18.16
CA HIS B 51 52.94 19.67 -17.80
C HIS B 51 53.55 18.32 -18.16
N MET B 52 52.83 17.23 -17.93
CA MET B 52 53.36 15.91 -18.20
C MET B 52 53.40 15.62 -19.70
N ILE B 53 52.33 15.98 -20.41
CA ILE B 53 52.20 15.56 -21.80
C ILE B 53 52.99 16.48 -22.72
N MET B 54 52.88 17.79 -22.52
CA MET B 54 53.53 18.73 -23.42
C MET B 54 54.95 19.08 -22.97
N GLU B 55 55.12 19.48 -21.71
CA GLU B 55 56.41 19.97 -21.25
C GLU B 55 57.33 18.88 -20.72
N ASN B 56 56.84 17.64 -20.59
CA ASN B 56 57.66 16.51 -20.13
C ASN B 56 58.30 16.83 -18.77
N ILE B 57 57.45 17.00 -17.77
CA ILE B 57 57.88 17.27 -16.41
C ILE B 57 57.69 16.01 -15.58
N PRO B 58 58.69 15.59 -14.80
CA PRO B 58 58.50 14.40 -13.97
C PRO B 58 57.44 14.62 -12.91
N ARG B 59 56.80 13.52 -12.51
CA ARG B 59 55.69 13.62 -11.56
C ARG B 59 56.15 14.18 -10.21
N GLU B 60 57.40 13.93 -9.82
CA GLU B 60 57.88 14.39 -8.53
C GLU B 60 57.99 15.90 -8.46
N ALA B 61 58.18 16.57 -9.60
CA ALA B 61 58.22 18.02 -9.59
C ALA B 61 56.85 18.63 -9.40
N LEU B 62 55.79 17.92 -9.80
CA LEU B 62 54.43 18.43 -9.69
C LEU B 62 53.79 18.00 -8.38
N LEU B 63 54.51 18.22 -7.28
CA LEU B 63 53.98 17.86 -5.98
C LEU B 63 53.02 18.89 -5.42
N LEU B 64 53.08 20.13 -5.90
CA LEU B 64 52.15 21.15 -5.44
C LEU B 64 50.80 21.03 -6.16
N PRO B 65 50.75 20.93 -7.49
CA PRO B 65 49.44 20.71 -8.13
C PRO B 65 48.79 19.40 -7.74
N PHE B 66 49.56 18.33 -7.52
CA PHE B 66 48.96 17.10 -7.04
C PHE B 66 48.36 17.28 -5.64
N THR B 67 49.03 18.04 -4.78
CA THR B 67 48.52 18.26 -3.44
C THR B 67 47.20 19.04 -3.48
N LEU B 68 47.16 20.10 -4.28
CA LEU B 68 45.93 20.89 -4.38
C LEU B 68 44.80 20.10 -5.03
N LEU B 69 45.13 19.19 -5.94
CA LEU B 69 44.10 18.36 -6.54
C LEU B 69 43.46 17.44 -5.51
N VAL B 70 44.25 16.92 -4.57
CA VAL B 70 43.73 16.02 -3.55
C VAL B 70 42.81 16.76 -2.59
N LEU B 71 43.18 17.96 -2.16
CA LEU B 71 42.31 18.75 -1.32
C LEU B 71 40.99 19.08 -2.01
N THR B 72 41.05 19.42 -3.31
CA THR B 72 39.82 19.70 -4.03
C THR B 72 38.92 18.48 -4.11
N PHE B 73 39.52 17.29 -4.22
CA PHE B 73 38.74 16.06 -4.16
C PHE B 73 38.21 15.81 -2.74
N VAL B 74 39.02 16.09 -1.73
CA VAL B 74 38.58 15.89 -0.36
C VAL B 74 37.47 16.87 0.00
N LEU B 75 37.57 18.12 -0.44
CA LEU B 75 36.52 19.09 -0.18
C LEU B 75 35.25 18.74 -0.94
N ARG B 76 35.37 18.18 -2.14
CA ARG B 76 34.20 17.77 -2.90
C ARG B 76 33.43 16.68 -2.19
N ALA B 77 34.13 15.71 -1.61
CA ALA B 77 33.47 14.65 -0.85
C ALA B 77 32.85 15.18 0.42
N TRP B 78 33.45 16.21 1.00
CA TRP B 78 32.85 16.84 2.18
C TRP B 78 31.56 17.56 1.83
N VAL B 79 31.55 18.31 0.74
CA VAL B 79 30.34 19.01 0.32
C VAL B 79 29.25 18.02 -0.06
N VAL B 80 29.62 16.95 -0.76
CA VAL B 80 28.66 15.91 -1.11
C VAL B 80 28.05 15.29 0.14
N TRP B 81 28.87 15.03 1.15
CA TRP B 81 28.37 14.52 2.42
C TRP B 81 27.51 15.55 3.12
N LEU B 82 27.92 16.81 3.13
CA LEU B 82 27.12 17.86 3.77
C LEU B 82 25.82 18.08 3.02
N ARG B 83 25.87 18.09 1.69
CA ARG B 83 24.72 18.43 0.89
C ARG B 83 23.61 17.40 0.98
N GLU B 84 23.92 16.17 1.40
CA GLU B 84 22.92 15.13 1.48
C GLU B 84 22.37 14.97 2.88
N ARG B 85 23.14 15.37 3.89
CA ARG B 85 22.60 15.46 5.25
C ARG B 85 21.70 16.68 5.39
N VAL B 86 22.06 17.78 4.75
CA VAL B 86 21.16 18.93 4.66
C VAL B 86 19.92 18.56 3.87
N GLY B 87 20.09 17.75 2.83
CA GLY B 87 18.95 17.36 2.02
C GLY B 87 17.95 16.50 2.77
N TYR B 88 18.44 15.62 3.64
CA TYR B 88 17.52 14.82 4.44
C TYR B 88 16.69 15.71 5.36
N HIS B 89 17.32 16.70 5.97
CA HIS B 89 16.61 17.57 6.89
C HIS B 89 15.46 18.28 6.21
N ALA B 90 15.65 18.71 4.96
CA ALA B 90 14.59 19.39 4.23
C ALA B 90 13.39 18.48 4.06
N GLY B 91 13.62 17.22 3.70
CA GLY B 91 12.51 16.29 3.55
C GLY B 91 11.84 15.95 4.86
N GLN B 92 12.63 15.80 5.93
CA GLN B 92 12.09 15.35 7.20
C GLN B 92 11.18 16.40 7.83
N HIS B 93 11.60 17.66 7.81
CA HIS B 93 10.82 18.73 8.43
C HIS B 93 9.59 19.09 7.63
N ILE B 94 9.47 18.61 6.40
CA ILE B 94 8.26 18.82 5.62
C ILE B 94 7.24 17.73 5.92
N ARG B 95 7.70 16.48 6.00
CA ARG B 95 6.81 15.37 6.30
C ARG B 95 6.28 15.44 7.72
N PHE B 96 7.08 15.93 8.65
CA PHE B 96 6.61 16.12 10.01
C PHE B 96 5.48 17.12 10.07
N ALA B 97 5.55 18.18 9.28
CA ALA B 97 4.51 19.20 9.28
C ALA B 97 3.27 18.75 8.51
N ILE B 98 3.46 18.01 7.43
CA ILE B 98 2.33 17.49 6.67
C ILE B 98 1.63 16.37 7.44
N ARG B 99 2.40 15.51 8.11
CA ARG B 99 1.79 14.47 8.93
C ARG B 99 1.03 15.06 10.10
N ARG B 100 1.53 16.16 10.66
CA ARG B 100 0.81 16.82 11.75
C ARG B 100 -0.48 17.46 11.27
N GLN B 101 -0.46 17.97 10.02
CA GLN B 101 -1.66 18.60 9.42
C GLN B 101 -2.70 17.52 9.13
N VAL B 102 -2.27 16.34 8.67
CA VAL B 102 -3.20 15.25 8.40
C VAL B 102 -3.82 14.75 9.68
N LEU B 103 -3.02 14.60 10.74
CA LEU B 103 -3.56 14.12 12.01
C LEU B 103 -4.44 15.17 12.68
N ASP B 104 -4.08 16.44 12.57
CA ASP B 104 -4.93 17.50 13.11
C ASP B 104 -6.28 17.51 12.42
N ARG B 105 -6.29 17.41 11.09
CA ARG B 105 -7.55 17.45 10.35
C ARG B 105 -8.38 16.20 10.57
N LEU B 106 -7.73 15.05 10.69
CA LEU B 106 -8.43 13.79 10.85
C LEU B 106 -8.90 13.59 12.28
N GLN B 107 -8.33 14.35 13.22
CA GLN B 107 -8.83 14.39 14.59
C GLN B 107 -9.98 15.39 14.74
N GLN B 108 -9.90 16.51 14.03
CA GLN B 108 -10.99 17.49 14.06
C GLN B 108 -12.24 16.93 13.41
N ALA B 109 -12.10 16.18 12.33
CA ALA B 109 -13.25 15.56 11.69
C ALA B 109 -13.95 14.59 12.64
N GLY B 110 -13.18 13.88 13.46
CA GLY B 110 -13.74 13.04 14.49
C GLY B 110 -14.01 11.64 14.00
N PRO B 111 -14.50 10.78 14.90
CA PRO B 111 -14.78 9.40 14.51
C PRO B 111 -15.85 9.26 13.44
N ALA B 112 -16.68 10.28 13.23
CA ALA B 112 -17.71 10.20 12.21
C ALA B 112 -17.11 10.07 10.81
N TRP B 113 -15.91 10.61 10.61
CA TRP B 113 -15.24 10.52 9.32
C TRP B 113 -14.19 9.44 9.27
N ILE B 114 -13.52 9.16 10.38
CA ILE B 114 -12.48 8.13 10.40
C ILE B 114 -13.07 6.76 10.13
N GLN B 115 -14.34 6.55 10.47
CA GLN B 115 -14.98 5.27 10.23
C GLN B 115 -15.49 5.13 8.80
N GLY B 116 -15.30 6.15 7.96
CA GLY B 116 -15.70 6.03 6.57
C GLY B 116 -14.77 5.17 5.74
N LYS B 117 -13.54 4.99 6.19
CA LYS B 117 -12.53 4.21 5.51
C LYS B 117 -11.95 3.19 6.46
N PRO B 118 -11.42 2.09 5.95
CA PRO B 118 -10.76 1.11 6.83
C PRO B 118 -9.54 1.72 7.50
N ALA B 119 -9.13 1.11 8.61
CA ALA B 119 -8.01 1.63 9.36
C ALA B 119 -6.71 1.53 8.58
N GLY B 120 -6.59 0.54 7.69
CA GLY B 120 -5.41 0.44 6.86
C GLY B 120 -5.36 1.44 5.74
N SER B 121 -6.51 2.02 5.38
CA SER B 121 -6.54 3.05 4.36
C SER B 121 -6.03 4.38 4.89
N TRP B 122 -6.21 4.64 6.18
CA TRP B 122 -5.67 5.85 6.77
C TRP B 122 -4.17 5.73 7.03
N ALA B 123 -3.69 4.53 7.35
CA ALA B 123 -2.27 4.34 7.58
C ALA B 123 -1.47 4.47 6.29
N THR B 124 -2.06 4.07 5.16
CA THR B 124 -1.41 4.30 3.88
C THR B 124 -1.27 5.79 3.60
N LEU B 125 -2.28 6.57 3.96
CA LEU B 125 -2.21 8.01 3.76
C LEU B 125 -1.23 8.67 4.70
N VAL B 126 -1.08 8.13 5.91
CA VAL B 126 -0.26 8.78 6.93
C VAL B 126 1.17 8.25 6.91
N LEU B 127 1.36 6.94 6.79
CA LEU B 127 2.72 6.43 6.77
C LEU B 127 3.29 6.35 5.37
N GLU B 128 2.68 5.57 4.48
CA GLU B 128 3.30 5.32 3.18
C GLU B 128 3.29 6.55 2.30
N GLN B 129 2.15 7.22 2.19
CA GLN B 129 2.06 8.28 1.20
C GLN B 129 2.77 9.55 1.63
N ILE B 130 2.77 9.89 2.91
CA ILE B 130 3.53 11.05 3.34
C ILE B 130 5.02 10.79 3.19
N ASP B 131 5.46 9.55 3.45
CA ASP B 131 6.85 9.19 3.28
C ASP B 131 7.27 9.08 1.82
N ASP B 132 6.32 8.89 0.90
CA ASP B 132 6.65 8.85 -0.51
C ASP B 132 7.11 10.19 -1.04
N MET B 133 6.87 11.26 -0.30
CA MET B 133 7.27 12.59 -0.69
C MET B 133 8.65 12.97 -0.19
N HIS B 134 9.32 12.12 0.56
CA HIS B 134 10.62 12.50 1.12
C HIS B 134 11.66 12.71 0.03
N ASP B 135 11.74 11.80 -0.94
CA ASP B 135 12.79 11.87 -1.94
C ASP B 135 12.59 13.02 -2.91
N TYR B 136 11.37 13.53 -3.06
CA TYR B 136 11.17 14.72 -3.86
C TYR B 136 11.85 15.92 -3.22
N TYR B 137 11.76 16.04 -1.90
CA TYR B 137 12.34 17.18 -1.19
C TYR B 137 13.79 16.97 -0.82
N ALA B 138 14.19 15.73 -0.56
CA ALA B 138 15.56 15.46 -0.15
C ALA B 138 16.49 15.30 -1.34
N ARG B 139 15.98 14.81 -2.46
CA ARG B 139 16.83 14.54 -3.62
C ARG B 139 16.41 15.33 -4.86
N TYR B 140 15.15 15.27 -5.26
CA TYR B 140 14.75 15.84 -6.54
C TYR B 140 14.78 17.35 -6.53
N LEU B 141 14.21 17.97 -5.50
CA LEU B 141 14.22 19.43 -5.44
C LEU B 141 15.63 20.00 -5.33
N PRO B 142 16.52 19.51 -4.45
CA PRO B 142 17.90 20.00 -4.48
C PRO B 142 18.63 19.76 -5.78
N GLN B 143 18.37 18.65 -6.46
CA GLN B 143 19.05 18.36 -7.71
C GLN B 143 18.56 19.26 -8.84
N MET B 144 17.31 19.68 -8.79
CA MET B 144 16.80 20.57 -9.82
C MET B 144 17.32 21.99 -9.65
N ALA B 145 17.75 22.35 -8.44
CA ALA B 145 18.49 23.59 -8.24
C ALA B 145 19.94 23.45 -8.68
N LEU B 146 20.52 22.25 -8.55
CA LEU B 146 21.88 22.00 -9.01
C LEU B 146 21.98 22.00 -10.52
N ALA B 147 20.88 21.71 -11.21
CA ALA B 147 20.89 21.63 -12.67
C ALA B 147 20.91 22.99 -13.34
N VAL B 148 20.79 24.08 -12.58
CA VAL B 148 20.92 25.41 -13.14
C VAL B 148 22.10 26.17 -12.57
N SER B 149 22.63 25.78 -11.41
CA SER B 149 23.81 26.45 -10.86
C SER B 149 25.07 25.94 -11.54
N VAL B 150 25.30 24.62 -11.48
CA VAL B 150 26.54 24.06 -12.03
C VAL B 150 26.68 24.30 -13.53
N PRO B 151 25.68 24.00 -14.38
CA PRO B 151 25.86 24.25 -15.81
C PRO B 151 26.18 25.70 -16.14
N LEU B 152 25.54 26.66 -15.46
CA LEU B 152 25.85 28.05 -15.73
C LEU B 152 27.21 28.43 -15.17
N LEU B 153 27.61 27.84 -14.07
CA LEU B 153 28.91 28.13 -13.48
C LEU B 153 30.05 27.46 -14.25
N ILE B 154 29.78 26.33 -14.91
CA ILE B 154 30.79 25.72 -15.76
C ILE B 154 31.11 26.63 -16.95
N VAL B 155 30.08 27.21 -17.57
CA VAL B 155 30.26 28.02 -18.76
C VAL B 155 31.07 29.27 -18.44
N VAL B 156 30.78 29.91 -17.31
CA VAL B 156 31.50 31.12 -16.94
C VAL B 156 32.98 30.83 -16.74
N ALA B 157 33.32 29.60 -16.33
CA ALA B 157 34.71 29.23 -16.15
C ALA B 157 35.43 29.01 -17.46
N ILE B 158 34.79 28.32 -18.41
CA ILE B 158 35.44 28.02 -19.68
C ILE B 158 35.39 29.20 -20.64
N PHE B 159 34.56 30.20 -20.37
CA PHE B 159 34.48 31.36 -21.25
C PHE B 159 35.79 32.14 -21.35
N PRO B 160 36.46 32.50 -20.25
CA PRO B 160 37.71 33.26 -20.39
C PRO B 160 38.82 32.49 -21.10
N SER B 161 38.89 31.18 -20.94
CA SER B 161 39.96 30.43 -21.59
C SER B 161 39.68 30.23 -23.08
N ASN B 162 38.42 29.99 -23.44
CA ASN B 162 38.07 29.72 -24.83
C ASN B 162 36.58 29.94 -25.00
N TRP B 163 36.18 30.94 -25.78
CA TRP B 163 34.76 31.21 -25.94
C TRP B 163 34.09 30.22 -26.88
N ALA B 164 34.83 29.63 -27.81
CA ALA B 164 34.21 28.64 -28.70
C ALA B 164 33.80 27.40 -27.93
N ALA B 165 34.60 26.99 -26.95
CA ALA B 165 34.23 25.85 -26.13
C ALA B 165 33.08 26.18 -25.20
N ALA B 166 32.90 27.47 -24.87
CA ALA B 166 31.76 27.86 -24.06
C ALA B 166 30.47 27.89 -24.85
N LEU B 167 30.55 28.20 -26.14
CA LEU B 167 29.35 28.22 -26.97
C LEU B 167 28.86 26.82 -27.28
N ILE B 168 29.75 25.84 -27.34
CA ILE B 168 29.34 24.47 -27.59
C ILE B 168 28.44 23.99 -26.46
N LEU B 169 28.84 24.25 -25.22
CA LEU B 169 28.02 23.88 -24.08
C LEU B 169 26.79 24.77 -23.97
N LEU B 170 26.97 26.08 -24.12
CA LEU B 170 25.85 27.00 -23.98
C LEU B 170 24.85 26.87 -25.11
N GLY B 171 25.31 26.49 -26.31
CA GLY B 171 24.39 26.34 -27.42
C GLY B 171 23.36 25.26 -27.18
N THR B 172 23.75 24.20 -26.49
CA THR B 172 22.84 23.11 -26.15
C THR B 172 22.00 23.40 -24.92
N ALA B 173 22.29 24.46 -24.19
CA ALA B 173 21.52 24.80 -23.00
C ALA B 173 20.04 25.06 -23.27
N PRO B 174 19.65 25.85 -24.28
CA PRO B 174 18.22 26.13 -24.45
C PRO B 174 17.45 25.07 -25.21
N LEU B 175 18.13 24.14 -25.89
CA LEU B 175 17.42 23.11 -26.64
C LEU B 175 16.70 22.14 -25.71
N ILE B 176 17.29 21.86 -24.55
CA ILE B 176 16.68 20.91 -23.62
C ILE B 176 15.35 21.42 -23.07
N PRO B 177 15.24 22.67 -22.59
CA PRO B 177 13.90 23.18 -22.29
C PRO B 177 13.01 23.29 -23.52
N LEU B 178 13.57 23.50 -24.70
CA LEU B 178 12.76 23.58 -25.91
C LEU B 178 12.07 22.25 -26.21
N PHE B 179 12.79 21.15 -26.01
CA PHE B 179 12.18 19.83 -26.19
C PHE B 179 11.06 19.61 -25.18
N MET B 180 11.28 20.05 -23.93
CA MET B 180 10.27 19.89 -22.90
C MET B 180 8.98 20.61 -23.27
N ALA B 181 9.09 21.86 -23.75
CA ALA B 181 7.90 22.64 -24.06
C ALA B 181 7.12 22.02 -25.20
N LEU B 182 7.82 21.48 -26.20
CA LEU B 182 7.14 20.96 -27.38
C LEU B 182 6.45 19.64 -27.08
N VAL B 183 7.22 18.60 -26.75
CA VAL B 183 6.66 17.27 -26.60
C VAL B 183 6.94 16.65 -25.23
N GLY B 184 7.87 17.19 -24.45
CA GLY B 184 8.19 16.57 -23.17
C GLY B 184 7.13 16.78 -22.12
N MET B 185 6.55 17.97 -22.06
CA MET B 185 5.57 18.26 -21.02
C MET B 185 4.28 17.46 -21.23
N GLY B 186 3.95 17.15 -22.48
CA GLY B 186 2.74 16.39 -22.75
C GLY B 186 2.81 14.98 -22.21
N ALA B 187 3.96 14.32 -22.36
CA ALA B 187 4.14 12.96 -21.88
C ALA B 187 4.27 12.88 -20.37
N ALA B 188 4.64 13.98 -19.71
CA ALA B 188 4.78 13.94 -18.26
C ALA B 188 3.45 13.68 -17.57
N ASP B 189 2.38 14.30 -18.04
CA ASP B 189 1.07 14.04 -17.46
C ASP B 189 0.52 12.69 -17.91
N ALA B 190 0.89 12.21 -19.09
CA ALA B 190 0.50 10.87 -19.50
C ALA B 190 1.18 9.82 -18.64
N ASN B 191 2.42 10.07 -18.23
CA ASN B 191 3.09 9.18 -17.29
C ASN B 191 2.40 9.16 -15.95
N ARG B 192 1.92 10.32 -15.49
CA ARG B 192 1.23 10.40 -14.22
C ARG B 192 -0.01 9.53 -14.19
N ARG B 193 -0.65 9.34 -15.35
CA ARG B 193 -1.82 8.48 -15.43
C ARG B 193 -1.46 7.02 -15.57
N ASN B 194 -0.25 6.71 -16.02
CA ASN B 194 0.20 5.32 -16.07
C ASN B 194 0.57 4.82 -14.68
N PHE B 195 1.06 5.70 -13.82
CA PHE B 195 1.31 5.33 -12.43
C PHE B 195 0.01 5.10 -11.69
N LEU B 196 -1.06 5.75 -12.13
CA LEU B 196 -2.38 5.49 -11.58
C LEU B 196 -2.94 4.17 -12.10
N ALA B 197 -2.68 3.85 -13.36
CA ALA B 197 -3.09 2.55 -13.90
C ALA B 197 -2.27 1.41 -13.30
N LEU B 198 -1.01 1.66 -12.96
CA LEU B 198 -0.22 0.63 -12.31
C LEU B 198 -0.67 0.42 -10.87
N ALA B 199 -1.13 1.47 -10.21
CA ALA B 199 -1.72 1.31 -8.88
C ALA B 199 -3.10 0.71 -8.96
N ARG B 200 -3.82 0.98 -10.05
CA ARG B 200 -5.13 0.37 -10.28
C ARG B 200 -5.01 -1.08 -10.70
N LEU B 201 -3.95 -1.43 -11.41
CA LEU B 201 -3.68 -2.83 -11.72
C LEU B 201 -3.28 -3.60 -10.48
N SER B 202 -2.70 -2.93 -9.50
CA SER B 202 -2.34 -3.59 -8.26
C SER B 202 -3.55 -3.87 -7.40
N GLY B 203 -4.59 -3.05 -7.52
CA GLY B 203 -5.85 -3.34 -6.86
C GLY B 203 -6.69 -4.37 -7.59
N HIS B 204 -6.43 -4.59 -8.87
CA HIS B 204 -7.07 -5.68 -9.60
C HIS B 204 -6.49 -7.02 -9.20
N PHE B 205 -5.20 -7.06 -8.88
CA PHE B 205 -4.57 -8.27 -8.37
C PHE B 205 -4.95 -8.52 -6.92
N LEU B 206 -5.02 -7.48 -6.11
CA LEU B 206 -5.44 -7.65 -4.72
C LEU B 206 -6.90 -8.10 -4.65
N ASP B 207 -7.73 -7.63 -5.56
CA ASP B 207 -9.12 -8.06 -5.58
C ASP B 207 -9.24 -9.54 -5.91
N ARG B 208 -8.44 -10.03 -6.86
CA ARG B 208 -8.48 -11.44 -7.20
C ARG B 208 -7.89 -12.30 -6.11
N LEU B 209 -7.00 -11.75 -5.30
CA LEU B 209 -6.47 -12.47 -4.15
C LEU B 209 -7.43 -12.49 -2.99
N ARG B 210 -8.16 -11.39 -2.77
CA ARG B 210 -9.11 -11.34 -1.68
C ARG B 210 -10.31 -12.22 -1.94
N GLY B 211 -10.59 -12.49 -3.21
CA GLY B 211 -11.73 -13.30 -3.56
C GLY B 211 -11.37 -14.68 -4.06
N MET B 212 -10.23 -15.23 -3.64
CA MET B 212 -9.88 -16.58 -4.08
C MET B 212 -10.86 -17.61 -3.54
N GLU B 213 -11.45 -17.37 -2.39
CA GLU B 213 -12.44 -18.31 -1.86
C GLU B 213 -13.67 -18.35 -2.74
N THR B 214 -14.07 -17.21 -3.29
CA THR B 214 -15.22 -17.18 -4.20
C THR B 214 -14.86 -17.75 -5.57
N LEU B 215 -13.66 -17.47 -6.05
CA LEU B 215 -13.24 -18.03 -7.33
C LEU B 215 -13.04 -19.54 -7.23
N ARG B 216 -12.70 -20.05 -6.07
CA ARG B 216 -12.45 -21.48 -5.93
C ARG B 216 -13.75 -22.27 -6.02
N ILE B 217 -14.80 -21.83 -5.31
CA ILE B 217 -16.04 -22.59 -5.29
C ILE B 217 -16.80 -22.48 -6.60
N PHE B 218 -16.45 -21.54 -7.47
CA PHE B 218 -17.06 -21.44 -8.78
C PHE B 218 -16.18 -22.02 -9.88
N GLY B 219 -15.02 -22.57 -9.52
CA GLY B 219 -14.13 -23.14 -10.51
C GLY B 219 -13.60 -22.14 -11.50
N ARG B 220 -13.25 -20.95 -11.04
CA ARG B 220 -12.75 -19.89 -11.89
C ARG B 220 -11.26 -19.65 -11.70
N GLY B 221 -10.53 -20.68 -11.29
CA GLY B 221 -9.10 -20.53 -11.11
C GLY B 221 -8.37 -20.24 -12.41
N GLU B 222 -8.66 -21.01 -13.45
CA GLU B 222 -7.94 -20.82 -14.71
C GLU B 222 -8.42 -19.60 -15.48
N ALA B 223 -9.67 -19.19 -15.28
CA ALA B 223 -10.21 -18.05 -16.00
C ALA B 223 -9.83 -16.72 -15.36
N GLU B 224 -9.33 -16.73 -14.13
CA GLU B 224 -8.81 -15.51 -13.53
C GLU B 224 -7.32 -15.35 -13.76
N ILE B 225 -6.61 -16.44 -14.02
CA ILE B 225 -5.24 -16.34 -14.49
C ILE B 225 -5.19 -15.67 -15.86
N GLU B 226 -6.13 -16.03 -16.72
CA GLU B 226 -6.24 -15.35 -18.01
C GLU B 226 -6.69 -13.91 -17.83
N SER B 227 -7.58 -13.67 -16.86
CA SER B 227 -7.98 -12.30 -16.56
C SER B 227 -6.81 -11.47 -16.06
N ILE B 228 -5.94 -12.07 -15.23
CA ILE B 228 -4.73 -11.39 -14.80
C ILE B 228 -3.81 -11.14 -15.98
N ARG B 229 -3.67 -12.14 -16.86
CA ARG B 229 -2.80 -11.99 -18.02
C ARG B 229 -3.29 -10.88 -18.94
N SER B 230 -4.60 -10.80 -19.18
CA SER B 230 -5.11 -9.79 -20.09
C SER B 230 -5.00 -8.40 -19.50
N ALA B 231 -5.30 -8.25 -18.20
CA ALA B 231 -5.18 -6.96 -17.55
C ALA B 231 -3.73 -6.50 -17.52
N SER B 232 -2.81 -7.41 -17.22
CA SER B 232 -1.39 -7.06 -17.19
C SER B 232 -0.89 -6.69 -18.58
N GLU B 233 -1.28 -7.46 -19.61
CA GLU B 233 -0.84 -7.16 -20.96
C GLU B 233 -1.48 -5.90 -21.50
N ASP B 234 -2.72 -5.63 -21.12
CA ASP B 234 -3.37 -4.38 -21.51
C ASP B 234 -2.64 -3.19 -20.92
N PHE B 235 -2.23 -3.27 -19.66
CA PHE B 235 -1.51 -2.17 -19.04
C PHE B 235 -0.16 -1.96 -19.72
N ARG B 236 0.57 -3.04 -19.95
CA ARG B 236 1.92 -2.92 -20.51
C ARG B 236 1.88 -2.30 -21.89
N GLN B 237 0.94 -2.72 -22.73
CA GLN B 237 0.88 -2.18 -24.08
C GLN B 237 0.54 -0.69 -24.09
N ARG B 238 -0.37 -0.27 -23.22
CA ARG B 238 -0.73 1.14 -23.15
C ARG B 238 0.40 1.96 -22.55
N THR B 239 1.10 1.40 -21.56
CA THR B 239 2.19 2.13 -20.92
C THR B 239 3.39 2.25 -21.86
N MET B 240 3.71 1.20 -22.60
CA MET B 240 4.86 1.26 -23.48
C MET B 240 4.64 2.23 -24.63
N GLU B 241 3.39 2.45 -25.04
CA GLU B 241 3.11 3.45 -26.06
C GLU B 241 3.46 4.85 -25.57
N VAL B 242 3.15 5.15 -24.31
CA VAL B 242 3.51 6.45 -23.75
C VAL B 242 5.01 6.53 -23.53
N LEU B 243 5.62 5.44 -23.04
CA LEU B 243 7.03 5.47 -22.67
C LEU B 243 7.94 5.61 -23.88
N ARG B 244 7.45 5.39 -25.09
CA ARG B 244 8.26 5.69 -26.27
C ARG B 244 8.49 7.18 -26.41
N LEU B 245 7.48 7.99 -26.08
CA LEU B 245 7.67 9.44 -26.07
C LEU B 245 8.41 9.90 -24.82
N ALA B 246 8.14 9.29 -23.68
CA ALA B 246 8.72 9.77 -22.44
C ALA B 246 10.21 9.45 -22.35
N PHE B 247 10.68 8.45 -23.06
CA PHE B 247 12.08 8.09 -23.04
C PHE B 247 12.90 8.81 -24.09
N LEU B 248 12.27 9.66 -24.91
CA LEU B 248 13.05 10.50 -25.80
C LEU B 248 13.82 11.55 -25.03
N SER B 249 13.24 12.07 -23.94
CA SER B 249 13.94 13.05 -23.12
C SER B 249 15.26 12.50 -22.60
N SER B 250 15.25 11.26 -22.12
CA SER B 250 16.50 10.63 -21.71
C SER B 250 17.43 10.39 -22.88
N GLY B 251 16.89 10.15 -24.07
CA GLY B 251 17.74 9.93 -25.23
C GLY B 251 18.30 11.22 -25.81
N ILE B 252 17.48 12.28 -25.84
CA ILE B 252 17.94 13.57 -26.35
C ILE B 252 19.04 14.12 -25.46
N LEU B 253 18.86 14.04 -24.15
CA LEU B 253 19.89 14.53 -23.24
C LEU B 253 21.19 13.75 -23.38
N GLU B 254 21.11 12.46 -23.74
CA GLU B 254 22.31 11.69 -24.01
C GLU B 254 22.90 12.02 -25.37
N PHE B 255 22.08 12.48 -26.31
CA PHE B 255 22.60 12.91 -27.60
C PHE B 255 23.33 14.24 -27.49
N PHE B 256 22.81 15.16 -26.67
CA PHE B 256 23.43 16.46 -26.54
C PHE B 256 24.69 16.41 -25.68
N THR B 257 24.75 15.50 -24.71
CA THR B 257 25.98 15.34 -23.96
C THR B 257 27.02 14.56 -24.74
N SER B 258 26.62 13.82 -25.78
CA SER B 258 27.57 13.11 -26.61
C SER B 258 28.06 13.99 -27.75
N LEU B 259 27.17 14.79 -28.32
CA LEU B 259 27.56 15.72 -29.37
C LEU B 259 28.46 16.81 -28.82
N SER B 260 28.20 17.27 -27.59
CA SER B 260 29.01 18.33 -27.01
C SER B 260 30.40 17.84 -26.63
N ILE B 261 30.49 16.62 -26.10
CA ILE B 261 31.81 16.05 -25.83
C ILE B 261 32.55 15.79 -27.14
N ALA B 262 31.84 15.32 -28.16
CA ALA B 262 32.45 15.12 -29.46
C ALA B 262 32.92 16.43 -30.08
N LEU B 263 32.10 17.47 -29.97
CA LEU B 263 32.45 18.76 -30.57
C LEU B 263 33.63 19.40 -29.86
N VAL B 264 33.69 19.29 -28.53
CA VAL B 264 34.82 19.83 -27.79
C VAL B 264 36.11 19.13 -28.19
N ALA B 265 36.05 17.80 -28.34
CA ALA B 265 37.23 17.06 -28.78
C ALA B 265 37.60 17.39 -30.21
N VAL B 266 36.61 17.47 -31.11
CA VAL B 266 36.90 17.74 -32.51
C VAL B 266 37.44 19.16 -32.69
N TYR B 267 36.78 20.14 -32.09
CA TYR B 267 37.24 21.52 -32.24
C TYR B 267 38.63 21.70 -31.66
N PHE B 268 38.85 21.22 -30.43
CA PHE B 268 40.16 21.35 -29.82
C PHE B 268 41.19 20.47 -30.52
N GLY B 269 40.75 19.29 -30.98
CA GLY B 269 41.68 18.40 -31.68
C GLY B 269 42.23 19.03 -32.94
N PHE B 270 41.37 19.70 -33.72
CA PHE B 270 41.81 20.34 -34.95
C PHE B 270 42.41 21.72 -34.73
N SER B 271 42.08 22.38 -33.62
CA SER B 271 42.72 23.65 -33.31
C SER B 271 44.21 23.47 -33.06
N TYR B 272 44.60 22.36 -32.43
CA TYR B 272 46.02 22.06 -32.25
C TYR B 272 46.68 21.76 -33.59
N LEU B 273 45.99 21.03 -34.47
CA LEU B 273 46.54 20.71 -35.79
C LEU B 273 46.60 21.92 -36.71
N GLY B 274 45.99 23.04 -36.32
CA GLY B 274 46.05 24.24 -37.12
C GLY B 274 44.94 24.40 -38.12
N GLU B 275 44.04 23.42 -38.26
CA GLU B 275 42.98 23.51 -39.24
C GLU B 275 41.99 24.62 -38.89
N LEU B 276 41.72 24.82 -37.60
CA LEU B 276 40.82 25.87 -37.13
C LEU B 276 41.62 26.90 -36.35
N ASP B 277 41.39 28.17 -36.65
CA ASP B 277 42.11 29.26 -35.98
C ASP B 277 41.18 30.24 -35.29
N PHE B 278 40.01 29.78 -34.86
CA PHE B 278 39.07 30.62 -34.13
C PHE B 278 38.85 30.06 -32.73
N GLY B 279 38.25 30.89 -31.89
CA GLY B 279 37.85 30.49 -30.56
C GLY B 279 38.75 31.00 -29.45
N HIS B 280 40.06 31.03 -29.65
CA HIS B 280 40.96 31.52 -28.63
C HIS B 280 41.08 33.03 -28.73
N TYR B 281 41.70 33.63 -27.72
CA TYR B 281 41.80 35.08 -27.58
C TYR B 281 43.14 35.61 -28.07
N ASP B 282 43.66 35.04 -29.15
CA ASP B 282 44.90 35.43 -29.81
C ASP B 282 46.12 35.12 -28.97
N THR B 283 45.96 34.50 -27.81
CA THR B 283 47.08 34.07 -26.99
C THR B 283 47.52 32.64 -27.32
N GLY B 284 46.91 32.02 -28.31
CA GLY B 284 47.21 30.64 -28.63
C GLY B 284 46.39 29.68 -27.82
N VAL B 285 46.14 28.50 -28.38
CA VAL B 285 45.37 27.46 -27.73
C VAL B 285 46.33 26.46 -27.10
N THR B 286 46.11 26.15 -25.83
CA THR B 286 46.97 25.27 -25.08
C THR B 286 46.27 23.95 -24.79
N LEU B 287 47.05 22.97 -24.33
CA LEU B 287 46.46 21.69 -23.96
C LEU B 287 45.70 21.79 -22.64
N ALA B 288 46.09 22.72 -21.77
CA ALA B 288 45.39 22.89 -20.51
C ALA B 288 43.96 23.36 -20.74
N ALA B 289 43.76 24.28 -21.69
CA ALA B 289 42.41 24.73 -21.98
C ALA B 289 41.57 23.62 -22.60
N GLY B 290 42.19 22.73 -23.36
CA GLY B 290 41.46 21.63 -23.95
C GLY B 290 40.96 20.64 -22.93
N PHE B 291 41.79 20.31 -21.94
CA PHE B 291 41.38 19.34 -20.93
C PHE B 291 40.35 19.94 -19.98
N LEU B 292 40.49 21.22 -19.66
CA LEU B 292 39.49 21.87 -18.81
C LEU B 292 38.12 21.82 -19.45
N ALA B 293 38.05 22.09 -20.75
CA ALA B 293 36.77 22.01 -21.45
C ALA B 293 36.28 20.58 -21.54
N LEU B 294 37.19 19.63 -21.77
CA LEU B 294 36.79 18.24 -21.94
C LEU B 294 36.43 17.58 -20.61
N ILE B 295 37.13 17.93 -19.54
CA ILE B 295 36.78 17.39 -18.23
C ILE B 295 35.45 17.95 -17.75
N LEU B 296 35.19 19.21 -18.03
CA LEU B 296 33.96 19.87 -17.61
C LEU B 296 32.79 19.66 -18.57
N ALA B 297 33.02 19.13 -19.77
CA ALA B 297 31.89 18.88 -20.66
C ALA B 297 30.94 17.82 -20.12
N PRO B 298 31.38 16.67 -19.63
CA PRO B 298 30.43 15.76 -18.96
C PRO B 298 29.77 16.35 -17.74
N GLU B 299 30.49 17.17 -16.97
CA GLU B 299 29.92 17.74 -15.75
C GLU B 299 28.91 18.84 -16.04
N PHE B 300 28.91 19.40 -17.25
CA PHE B 300 27.88 20.35 -17.61
C PHE B 300 26.51 19.70 -17.67
N PHE B 301 26.44 18.48 -18.18
CA PHE B 301 25.18 17.76 -18.31
C PHE B 301 24.93 16.77 -17.20
N GLN B 302 25.88 16.56 -16.30
CA GLN B 302 25.68 15.61 -15.21
C GLN B 302 24.54 16.00 -14.28
N PRO B 303 24.38 17.25 -13.85
CA PRO B 303 23.19 17.57 -13.05
C PRO B 303 21.88 17.29 -13.75
N LEU B 304 21.82 17.44 -15.07
CA LEU B 304 20.60 17.14 -15.81
C LEU B 304 20.40 15.64 -16.02
N ARG B 305 21.50 14.89 -16.18
CA ARG B 305 21.37 13.45 -16.33
C ARG B 305 21.05 12.77 -15.01
N ASP B 306 21.49 13.36 -13.89
CA ASP B 306 21.12 12.88 -12.57
C ASP B 306 19.69 13.23 -12.20
N LEU B 307 19.13 14.28 -12.80
CA LEU B 307 17.73 14.61 -12.55
C LEU B 307 16.80 13.58 -13.16
N GLY B 308 17.23 12.89 -14.21
CA GLY B 308 16.45 11.78 -14.72
C GLY B 308 16.59 10.52 -13.91
N THR B 309 17.62 10.44 -13.07
CA THR B 309 17.73 9.33 -12.14
C THR B 309 16.75 9.47 -10.99
N PHE B 310 16.40 10.71 -10.63
CA PHE B 310 15.42 10.99 -9.60
C PHE B 310 14.02 11.13 -10.15
N TYR B 311 13.70 10.53 -11.29
CA TYR B 311 12.37 10.69 -11.84
C TYR B 311 11.31 10.10 -10.92
N HIS B 312 11.55 8.90 -10.40
CA HIS B 312 10.55 8.24 -9.58
C HIS B 312 10.41 8.87 -8.22
N ALA B 313 11.40 9.64 -7.78
CA ALA B 313 11.21 10.45 -6.58
C ALA B 313 10.10 11.45 -6.79
N LYS B 314 10.06 12.08 -7.97
CA LYS B 314 8.98 13.01 -8.28
C LYS B 314 7.70 12.27 -8.65
N ALA B 315 7.80 11.14 -9.33
CA ALA B 315 6.62 10.43 -9.79
C ALA B 315 5.84 9.83 -8.63
N GLN B 316 6.52 9.43 -7.56
CA GLN B 316 5.84 8.86 -6.41
C GLN B 316 5.42 9.90 -5.39
N ALA B 317 6.01 11.09 -5.43
CA ALA B 317 5.53 12.21 -4.63
C ALA B 317 4.29 12.82 -5.22
N VAL B 318 4.21 12.86 -6.55
CA VAL B 318 3.00 13.36 -7.20
C VAL B 318 1.85 12.38 -6.98
N GLY B 319 2.13 11.09 -6.99
CA GLY B 319 1.11 10.12 -6.65
C GLY B 319 0.66 10.22 -5.21
N ALA B 320 1.56 10.60 -4.31
CA ALA B 320 1.20 10.85 -2.93
C ALA B 320 0.52 12.18 -2.76
N ALA B 321 0.97 13.21 -3.48
CA ALA B 321 0.32 14.51 -3.45
C ALA B 321 -1.05 14.48 -4.11
N ASP B 322 -1.30 13.49 -4.96
CA ASP B 322 -2.63 13.33 -5.54
C ASP B 322 -3.65 13.00 -4.47
N SER B 323 -3.27 12.17 -3.50
CA SER B 323 -4.17 11.76 -2.44
C SER B 323 -4.15 12.70 -1.25
N LEU B 324 -3.01 13.35 -0.97
CA LEU B 324 -2.94 14.27 0.15
C LEU B 324 -3.56 15.62 -0.16
N LYS B 325 -3.57 16.03 -1.44
CA LYS B 325 -4.19 17.30 -1.80
C LYS B 325 -5.70 17.23 -1.68
N THR B 326 -6.31 16.11 -2.08
CA THR B 326 -7.76 15.99 -1.96
C THR B 326 -8.18 15.82 -0.52
N PHE B 327 -7.42 15.05 0.26
CA PHE B 327 -7.73 14.91 1.67
C PHE B 327 -7.73 16.25 2.38
N MET B 328 -6.70 17.07 2.13
CA MET B 328 -6.59 18.34 2.80
C MET B 328 -7.60 19.36 2.28
N GLU B 329 -8.37 19.03 1.26
CA GLU B 329 -9.31 19.96 0.66
C GLU B 329 -10.73 19.44 0.59
N THR B 330 -11.01 18.25 1.08
CA THR B 330 -12.41 17.79 1.13
C THR B 330 -13.17 18.64 2.14
N PRO B 331 -14.30 19.24 1.75
CA PRO B 331 -15.05 20.07 2.70
C PRO B 331 -15.71 19.21 3.76
N LEU B 332 -15.40 19.49 5.02
CA LEU B 332 -15.93 18.75 6.15
C LEU B 332 -16.75 19.68 7.03
N ALA B 333 -17.89 19.19 7.51
CA ALA B 333 -18.76 19.94 8.39
C ALA B 333 -18.56 19.46 9.82
N HIS B 334 -17.71 20.16 10.56
CA HIS B 334 -17.41 19.88 11.96
C HIS B 334 -18.56 20.34 12.84
N PRO B 335 -18.99 19.53 13.80
CA PRO B 335 -20.03 19.98 14.73
C PRO B 335 -19.59 21.22 15.49
N GLN B 336 -20.54 22.12 15.71
CA GLN B 336 -20.23 23.41 16.32
C GLN B 336 -19.73 23.24 17.75
N ARG B 337 -18.63 23.94 18.06
CA ARG B 337 -18.04 23.92 19.42
C ARG B 337 -18.51 25.17 20.19
N GLY B 338 -19.19 24.96 21.31
CA GLY B 338 -19.71 26.03 22.12
C GLY B 338 -18.79 26.39 23.27
N GLU B 339 -19.30 27.25 24.15
CA GLU B 339 -18.57 27.66 25.34
C GLU B 339 -19.33 27.38 26.62
N ALA B 340 -20.57 26.91 26.55
CA ALA B 340 -21.37 26.67 27.73
C ALA B 340 -20.80 25.52 28.55
N GLU B 341 -21.38 25.29 29.72
CA GLU B 341 -20.92 24.25 30.62
C GLU B 341 -22.09 23.78 31.46
N LEU B 342 -22.20 22.47 31.66
CA LEU B 342 -23.29 21.93 32.44
C LEU B 342 -23.13 22.29 33.92
N ALA B 343 -24.25 22.64 34.55
CA ALA B 343 -24.19 23.18 35.91
C ALA B 343 -23.82 22.11 36.92
N SER B 344 -24.48 20.95 36.87
CA SER B 344 -24.34 19.94 37.91
C SER B 344 -23.98 18.60 37.29
N THR B 345 -23.77 17.60 38.15
CA THR B 345 -23.44 16.25 37.73
C THR B 345 -24.61 15.29 37.86
N ASP B 346 -25.82 15.80 38.12
CA ASP B 346 -27.00 14.96 38.16
C ASP B 346 -27.35 14.49 36.75
N PRO B 347 -28.14 13.43 36.64
CA PRO B 347 -28.52 12.94 35.30
C PRO B 347 -29.21 14.02 34.49
N VAL B 348 -28.90 14.04 33.20
CA VAL B 348 -29.36 15.11 32.32
C VAL B 348 -30.66 14.70 31.64
N THR B 349 -31.43 15.70 31.22
CA THR B 349 -32.67 15.49 30.48
C THR B 349 -32.44 15.89 29.04
N ILE B 350 -32.84 15.03 28.11
CA ILE B 350 -32.61 15.23 26.69
C ILE B 350 -33.95 15.55 26.03
N GLU B 351 -33.98 16.64 25.26
CA GLU B 351 -35.15 17.00 24.49
C GLU B 351 -34.72 17.29 23.06
N ALA B 352 -35.43 16.72 22.10
CA ALA B 352 -35.17 16.95 20.68
C ALA B 352 -36.43 17.43 20.01
N GLU B 353 -36.33 18.51 19.25
CA GLU B 353 -37.47 19.11 18.56
C GLU B 353 -37.07 19.36 17.11
N GLU B 354 -37.63 18.56 16.19
CA GLU B 354 -37.35 18.66 14.76
C GLU B 354 -35.86 18.52 14.49
N LEU B 355 -35.30 17.41 14.98
CA LEU B 355 -33.86 17.16 14.97
C LEU B 355 -33.48 16.38 13.71
N PHE B 356 -32.47 16.86 13.00
CA PHE B 356 -31.89 16.17 11.86
C PHE B 356 -30.40 15.99 12.11
N ILE B 357 -29.90 14.79 11.83
CA ILE B 357 -28.49 14.46 12.05
C ILE B 357 -27.80 14.39 10.70
N THR B 358 -26.68 15.10 10.57
CA THR B 358 -26.00 15.25 9.29
C THR B 358 -24.59 14.69 9.39
N SER B 359 -24.22 13.87 8.41
CA SER B 359 -22.88 13.32 8.32
C SER B 359 -21.89 14.41 7.92
N PRO B 360 -20.59 14.19 8.13
CA PRO B 360 -19.60 15.22 7.78
C PRO B 360 -19.61 15.60 6.31
N GLU B 361 -19.93 14.67 5.42
CA GLU B 361 -20.02 14.99 4.01
C GLU B 361 -21.23 15.86 3.71
N GLY B 362 -22.29 15.74 4.50
CA GLY B 362 -23.48 16.56 4.31
C GLY B 362 -24.77 15.77 4.21
N LYS B 363 -24.67 14.44 4.12
CA LYS B 363 -25.84 13.59 4.00
C LYS B 363 -26.62 13.56 5.32
N THR B 364 -27.94 13.44 5.21
CA THR B 364 -28.81 13.34 6.38
C THR B 364 -28.85 11.89 6.85
N LEU B 365 -28.59 11.67 8.13
CA LEU B 365 -28.55 10.33 8.71
C LEU B 365 -29.85 9.95 9.41
N ALA B 366 -30.39 10.85 10.23
CA ALA B 366 -31.63 10.59 10.94
C ALA B 366 -32.60 11.74 10.67
N GLY B 367 -33.81 11.38 10.26
CA GLY B 367 -34.82 12.36 9.90
C GLY B 367 -35.39 13.06 11.11
N PRO B 368 -36.58 13.64 10.97
CA PRO B 368 -37.17 14.42 12.06
C PRO B 368 -37.35 13.59 13.31
N LEU B 369 -36.62 13.95 14.36
CA LEU B 369 -36.66 13.26 15.63
C LEU B 369 -37.29 14.16 16.68
N ASN B 370 -38.31 13.66 17.36
CA ASN B 370 -38.99 14.38 18.42
C ASN B 370 -39.13 13.42 19.61
N PHE B 371 -38.38 13.67 20.67
CA PHE B 371 -38.43 12.83 21.85
C PHE B 371 -38.05 13.65 23.07
N THR B 372 -38.33 13.10 24.23
CA THR B 372 -37.94 13.71 25.50
C THR B 372 -37.57 12.60 26.46
N LEU B 373 -36.41 12.73 27.08
CA LEU B 373 -35.91 11.74 28.03
C LEU B 373 -35.65 12.41 29.38
N PRO B 374 -36.60 12.39 30.31
CA PRO B 374 -36.40 13.03 31.60
C PRO B 374 -35.21 12.44 32.33
N ALA B 375 -34.78 13.14 33.38
CA ALA B 375 -33.56 12.77 34.08
C ALA B 375 -33.68 11.38 34.70
N GLY B 376 -32.67 10.56 34.49
CA GLY B 376 -32.56 9.29 35.16
C GLY B 376 -33.36 8.16 34.57
N GLN B 377 -34.05 8.37 33.45
CA GLN B 377 -34.89 7.33 32.86
C GLN B 377 -34.16 6.65 31.73
N ARG B 378 -34.01 5.33 31.85
CA ARG B 378 -33.42 4.52 30.79
C ARG B 378 -34.35 4.46 29.58
N ALA B 379 -33.77 4.46 28.40
CA ALA B 379 -34.52 4.41 27.16
C ALA B 379 -33.90 3.38 26.22
N VAL B 380 -34.69 2.86 25.31
CA VAL B 380 -34.27 1.83 24.37
C VAL B 380 -34.51 2.31 22.96
N LEU B 381 -33.53 2.13 22.09
CA LEU B 381 -33.69 2.34 20.66
C LEU B 381 -33.71 0.98 19.97
N VAL B 382 -34.74 0.75 19.16
CA VAL B 382 -34.85 -0.49 18.40
C VAL B 382 -35.21 -0.13 16.96
N GLY B 383 -35.02 -1.09 16.06
CA GLY B 383 -35.31 -0.87 14.67
C GLY B 383 -34.51 -1.83 13.81
N ARG B 384 -34.69 -1.68 12.50
CA ARG B 384 -33.93 -2.48 11.57
C ARG B 384 -32.52 -1.92 11.42
N SER B 385 -31.66 -2.69 10.77
CA SER B 385 -30.31 -2.23 10.50
C SER B 385 -30.34 -1.07 9.52
N GLY B 386 -29.52 -0.05 9.80
CA GLY B 386 -29.48 1.12 8.94
C GLY B 386 -30.59 2.11 9.16
N SER B 387 -31.34 1.95 10.26
CA SER B 387 -32.48 2.85 10.58
C SER B 387 -32.00 4.14 11.26
N GLY B 388 -30.70 4.38 11.32
CA GLY B 388 -30.19 5.62 11.96
C GLY B 388 -30.05 5.56 13.46
N LYS B 389 -30.08 4.38 14.06
CA LYS B 389 -30.00 4.24 15.55
C LYS B 389 -28.66 4.76 16.10
N SER B 390 -27.52 4.42 15.49
CA SER B 390 -26.20 4.88 15.98
C SER B 390 -26.01 6.38 15.76
N SER B 391 -26.67 6.95 14.75
CA SER B 391 -26.56 8.40 14.46
C SER B 391 -27.04 9.20 15.66
N LEU B 392 -28.13 8.77 16.29
CA LEU B 392 -28.64 9.47 17.50
C LEU B 392 -27.60 9.41 18.62
N LEU B 393 -26.94 8.27 18.81
CA LEU B 393 -25.96 8.16 19.88
C LEU B 393 -24.68 8.91 19.55
N ASN B 394 -24.39 9.02 18.24
CA ASN B 394 -23.20 9.75 17.75
C ASN B 394 -23.47 11.25 17.97
N ALA B 395 -24.70 11.69 17.66
CA ALA B 395 -25.07 13.09 17.83
C ALA B 395 -25.01 13.50 19.30
N LEU B 396 -25.48 12.64 20.19
CA LEU B 396 -25.43 12.96 21.61
C LEU B 396 -24.01 12.98 22.14
N SER B 397 -23.11 12.20 21.53
CA SER B 397 -21.72 12.22 21.92
C SER B 397 -20.99 13.45 21.41
N GLY B 398 -21.58 14.17 20.45
CA GLY B 398 -20.93 15.30 19.84
C GLY B 398 -20.16 15.01 18.58
N PHE B 399 -20.34 13.82 17.99
CA PHE B 399 -19.57 13.44 16.81
C PHE B 399 -20.23 13.84 15.51
N LEU B 400 -21.53 14.08 15.50
CA LEU B 400 -22.25 14.48 14.30
C LEU B 400 -22.96 15.81 14.54
N SER B 401 -23.00 16.63 13.50
CA SER B 401 -23.67 17.93 13.60
C SER B 401 -25.13 17.79 13.24
N TYR B 402 -25.98 18.56 13.92
CA TYR B 402 -27.42 18.44 13.81
C TYR B 402 -28.04 19.79 13.45
N GLN B 403 -29.12 19.74 12.67
CA GLN B 403 -29.80 20.95 12.21
C GLN B 403 -30.99 21.35 13.07
N GLY B 404 -31.44 20.49 13.96
CA GLY B 404 -32.63 20.82 14.72
C GLY B 404 -32.34 21.46 16.06
N SER B 405 -33.09 21.06 17.08
CA SER B 405 -32.86 21.47 18.45
C SER B 405 -32.70 20.24 19.31
N LEU B 406 -31.56 20.11 19.98
CA LEU B 406 -31.25 18.97 20.84
C LEU B 406 -30.70 19.54 22.16
N ARG B 407 -31.55 19.59 23.17
CA ARG B 407 -31.25 20.31 24.40
C ARG B 407 -30.89 19.35 25.51
N ILE B 408 -29.77 19.61 26.17
CA ILE B 408 -29.32 18.84 27.32
C ILE B 408 -29.56 19.71 28.56
N ASN B 409 -30.51 19.29 29.40
CA ASN B 409 -30.90 20.07 30.57
C ASN B 409 -31.29 21.49 30.20
N GLY B 410 -31.97 21.64 29.07
CA GLY B 410 -32.37 22.96 28.61
C GLY B 410 -31.27 23.76 27.96
N ILE B 411 -30.10 23.18 27.74
CA ILE B 411 -28.99 23.84 27.06
C ILE B 411 -28.74 23.12 25.76
N GLU B 412 -28.60 23.88 24.68
CA GLU B 412 -28.37 23.28 23.38
C GLU B 412 -27.05 22.53 23.37
N LEU B 413 -27.03 21.39 22.65
CA LEU B 413 -25.80 20.60 22.60
C LEU B 413 -24.71 21.30 21.79
N ARG B 414 -25.09 22.14 20.84
CA ARG B 414 -24.10 22.90 20.09
C ARG B 414 -23.32 23.83 21.00
N ASP B 415 -24.01 24.46 21.95
CA ASP B 415 -23.37 25.43 22.83
C ASP B 415 -22.56 24.78 23.94
N LEU B 416 -22.76 23.50 24.21
CA LEU B 416 -21.98 22.82 25.23
C LEU B 416 -20.54 22.64 24.74
N SER B 417 -19.58 22.97 25.58
CA SER B 417 -18.18 22.79 25.22
C SER B 417 -17.86 21.30 25.23
N PRO B 418 -17.37 20.74 24.13
CA PRO B 418 -17.15 19.29 24.07
C PRO B 418 -16.19 18.78 25.12
N GLU B 419 -15.18 19.56 25.53
CA GLU B 419 -14.25 19.07 26.52
C GLU B 419 -14.95 18.78 27.84
N SER B 420 -15.90 19.64 28.23
CA SER B 420 -16.60 19.47 29.50
C SER B 420 -17.87 18.66 29.36
N TRP B 421 -18.52 18.68 28.20
CA TRP B 421 -19.72 17.86 28.01
C TRP B 421 -19.38 16.38 28.07
N ARG B 422 -18.26 15.99 27.46
CA ARG B 422 -17.89 14.58 27.42
C ARG B 422 -17.38 14.04 28.74
N LYS B 423 -17.15 14.89 29.74
CA LYS B 423 -16.85 14.37 31.07
C LYS B 423 -18.10 13.83 31.74
N HIS B 424 -19.27 14.33 31.35
CA HIS B 424 -20.55 13.83 31.85
C HIS B 424 -21.14 12.77 30.94
N LEU B 425 -20.32 11.96 30.30
CA LEU B 425 -20.77 11.04 29.27
C LEU B 425 -19.98 9.75 29.35
N SER B 426 -20.64 8.62 29.13
CA SER B 426 -19.98 7.32 29.09
C SER B 426 -20.66 6.47 28.05
N TRP B 427 -19.92 6.06 27.03
CA TRP B 427 -20.47 5.34 25.89
C TRP B 427 -19.75 4.01 25.77
N VAL B 428 -20.51 2.91 25.80
CA VAL B 428 -19.92 1.61 25.51
C VAL B 428 -19.65 1.45 24.02
N GLY B 429 -20.62 1.82 23.19
CA GLY B 429 -20.38 1.93 21.78
C GLY B 429 -20.42 0.58 21.06
N GLN B 430 -20.57 0.67 19.75
CA GLN B 430 -20.64 -0.51 18.89
C GLN B 430 -19.26 -0.80 18.31
N ASN B 431 -18.90 -2.08 18.29
CA ASN B 431 -17.57 -2.51 17.90
C ASN B 431 -16.54 -1.83 18.81
N PRO B 432 -16.48 -2.21 20.08
CA PRO B 432 -15.60 -1.50 21.01
C PRO B 432 -14.14 -1.68 20.67
N GLN B 433 -13.36 -0.63 20.95
CA GLN B 433 -11.90 -0.58 20.67
C GLN B 433 -11.14 -0.30 21.96
N LEU B 434 -10.17 -1.15 22.30
CA LEU B 434 -9.35 -0.97 23.49
C LEU B 434 -8.02 -0.38 23.05
N PRO B 435 -7.89 0.94 23.01
CA PRO B 435 -6.69 1.58 22.43
C PRO B 435 -5.53 1.78 23.39
N ALA B 436 -5.60 1.30 24.62
CA ALA B 436 -4.47 1.41 25.53
C ALA B 436 -3.50 0.25 25.30
N ALA B 437 -2.46 0.20 26.12
CA ALA B 437 -1.43 -0.81 25.96
C ALA B 437 -1.84 -2.13 26.62
N THR B 438 -2.11 -2.09 27.92
CA THR B 438 -2.43 -3.28 28.68
C THR B 438 -3.85 -3.20 29.22
N LEU B 439 -4.37 -4.35 29.64
CA LEU B 439 -5.77 -4.43 30.07
C LEU B 439 -6.04 -3.63 31.33
N ARG B 440 -5.01 -3.31 32.11
CA ARG B 440 -5.22 -2.42 33.25
C ARG B 440 -5.36 -0.96 32.81
N ASP B 441 -4.67 -0.58 31.73
CA ASP B 441 -4.77 0.79 31.21
C ASP B 441 -6.05 1.00 30.43
N ASN B 442 -6.57 -0.04 29.79
CA ASN B 442 -7.83 0.09 29.07
C ASN B 442 -8.97 0.39 30.01
N VAL B 443 -9.00 -0.26 31.17
CA VAL B 443 -10.03 0.01 32.16
C VAL B 443 -9.83 1.39 32.79
N LEU B 444 -8.59 1.71 33.13
CA LEU B 444 -8.27 2.98 33.78
C LEU B 444 -8.24 4.15 32.81
N LEU B 445 -8.68 3.97 31.57
CA LEU B 445 -8.72 5.08 30.62
C LEU B 445 -9.64 6.19 31.09
N ALA B 446 -10.72 5.84 31.78
CA ALA B 446 -11.67 6.85 32.26
C ALA B 446 -10.98 7.82 33.21
N ARG B 447 -10.16 7.31 34.11
CA ARG B 447 -9.30 8.14 34.95
C ARG B 447 -8.06 7.34 35.37
N PRO B 448 -6.86 7.74 34.92
CA PRO B 448 -5.67 6.97 35.28
C PRO B 448 -5.29 7.08 36.75
N ASP B 449 -5.73 8.12 37.44
CA ASP B 449 -5.41 8.31 38.85
C ASP B 449 -6.56 7.78 39.72
N ALA B 450 -6.68 6.45 39.72
CA ALA B 450 -7.74 5.76 40.44
C ALA B 450 -7.13 4.76 41.41
N SER B 451 -7.74 4.65 42.59
CA SER B 451 -7.25 3.73 43.60
C SER B 451 -7.43 2.28 43.15
N GLU B 452 -6.56 1.41 43.66
CA GLU B 452 -6.63 0.00 43.30
C GLU B 452 -7.95 -0.62 43.73
N GLN B 453 -8.56 -0.09 44.80
CA GLN B 453 -9.85 -0.62 45.23
C GLN B 453 -10.94 -0.35 44.19
N GLU B 454 -10.99 0.87 43.65
CA GLU B 454 -12.00 1.19 42.65
C GLU B 454 -11.76 0.43 41.36
N LEU B 455 -10.48 0.20 41.01
CA LEU B 455 -10.17 -0.62 39.85
C LEU B 455 -10.71 -2.03 40.03
N GLN B 456 -10.51 -2.62 41.21
CA GLN B 456 -11.04 -3.95 41.46
C GLN B 456 -12.56 -3.94 41.54
N ALA B 457 -13.14 -2.87 42.12
CA ALA B 457 -14.59 -2.77 42.19
C ALA B 457 -15.18 -2.69 40.79
N ALA B 458 -14.58 -1.90 39.91
CA ALA B 458 -15.07 -1.83 38.53
C ALA B 458 -14.87 -3.15 37.79
N LEU B 459 -13.73 -3.81 38.03
CA LEU B 459 -13.48 -5.09 37.39
C LEU B 459 -14.42 -6.17 37.90
N ASP B 460 -14.80 -6.11 39.18
CA ASP B 460 -15.75 -7.08 39.72
C ASP B 460 -17.17 -6.79 39.24
N ASN B 461 -17.58 -5.51 39.23
CA ASN B 461 -18.94 -5.17 38.83
C ASN B 461 -19.20 -5.51 37.38
N ALA B 462 -18.18 -5.49 36.54
CA ALA B 462 -18.31 -5.76 35.13
C ALA B 462 -18.04 -7.22 34.77
N TRP B 463 -17.81 -8.08 35.76
CA TRP B 463 -17.53 -9.49 35.54
C TRP B 463 -16.27 -9.70 34.70
N VAL B 464 -15.28 -8.84 34.88
CA VAL B 464 -14.00 -9.01 34.20
C VAL B 464 -13.04 -9.82 35.05
N SER B 465 -13.14 -9.74 36.38
CA SER B 465 -12.23 -10.46 37.24
C SER B 465 -12.44 -11.97 37.20
N GLU B 466 -13.57 -12.44 36.69
CA GLU B 466 -13.81 -13.89 36.70
C GLU B 466 -12.96 -14.60 35.67
N PHE B 467 -12.62 -13.93 34.56
CA PHE B 467 -11.77 -14.53 33.54
C PHE B 467 -10.36 -13.96 33.56
N LEU B 468 -10.04 -13.13 34.55
CA LEU B 468 -8.66 -12.65 34.69
C LEU B 468 -7.65 -13.76 34.94
N PRO B 469 -7.91 -14.77 35.78
CA PRO B 469 -6.93 -15.86 35.91
C PRO B 469 -6.62 -16.57 34.60
N LEU B 470 -7.58 -16.65 33.68
CA LEU B 470 -7.29 -17.23 32.37
C LEU B 470 -6.22 -16.46 31.64
N LEU B 471 -6.13 -15.15 31.87
CA LEU B 471 -5.10 -14.35 31.24
C LEU B 471 -3.75 -14.63 31.90
N PRO B 472 -2.65 -14.61 31.15
CA PRO B 472 -1.36 -15.02 31.71
C PRO B 472 -0.87 -14.15 32.84
N GLN B 473 -0.81 -12.84 32.60
CA GLN B 473 -0.30 -11.89 33.59
C GLN B 473 -1.40 -11.23 34.40
N GLY B 474 -2.66 -11.61 34.18
CA GLY B 474 -3.76 -11.03 34.92
C GLY B 474 -4.17 -9.67 34.42
N VAL B 475 -4.35 -8.72 35.34
CA VAL B 475 -4.81 -7.39 34.98
C VAL B 475 -3.77 -6.65 34.14
N ASP B 476 -2.51 -7.09 34.17
CA ASP B 476 -1.45 -6.44 33.41
C ASP B 476 -1.19 -7.11 32.07
N THR B 477 -2.13 -7.90 31.57
CA THR B 477 -1.96 -8.54 30.27
C THR B 477 -1.96 -7.49 29.17
N PRO B 478 -1.05 -7.58 28.19
CA PRO B 478 -1.10 -6.65 27.05
C PRO B 478 -2.08 -7.15 26.00
N VAL B 479 -3.10 -6.34 25.70
CA VAL B 479 -4.12 -6.76 24.74
C VAL B 479 -3.56 -6.81 23.33
N GLY B 480 -2.59 -5.96 23.01
CA GLY B 480 -1.97 -5.98 21.71
C GLY B 480 -2.81 -5.28 20.65
N ASP B 481 -2.41 -5.48 19.40
CA ASP B 481 -3.08 -4.84 18.29
C ASP B 481 -4.48 -5.41 18.10
N GLN B 482 -5.49 -4.55 18.21
CA GLN B 482 -6.91 -4.94 18.06
C GLN B 482 -7.31 -6.01 19.06
N ALA B 483 -6.61 -6.07 20.20
CA ALA B 483 -6.93 -6.97 21.31
C ALA B 483 -7.05 -8.42 20.85
N ALA B 484 -5.98 -8.89 20.20
CA ALA B 484 -5.98 -10.26 19.70
C ALA B 484 -5.96 -11.28 20.83
N ARG B 485 -5.51 -10.86 22.02
CA ARG B 485 -5.40 -11.78 23.20
C ARG B 485 -6.76 -11.93 23.89
N LEU B 486 -7.68 -10.98 23.68
CA LEU B 486 -9.01 -11.03 24.26
C LEU B 486 -10.03 -11.36 23.18
N SER B 487 -10.92 -12.29 23.49
CA SER B 487 -11.98 -12.61 22.54
C SER B 487 -13.00 -11.50 22.49
N VAL B 488 -13.82 -11.51 21.44
CA VAL B 488 -14.80 -10.44 21.25
C VAL B 488 -15.80 -10.42 22.40
N GLY B 489 -16.06 -11.58 23.01
CA GLY B 489 -16.96 -11.60 24.15
C GLY B 489 -16.35 -11.01 25.40
N GLN B 490 -15.07 -11.28 25.64
CA GLN B 490 -14.40 -10.82 26.84
C GLN B 490 -13.65 -9.51 26.67
N ALA B 491 -13.44 -9.06 25.43
CA ALA B 491 -12.99 -7.69 25.22
C ALA B 491 -14.12 -6.70 25.42
N GLN B 492 -15.36 -7.20 25.24
CA GLN B 492 -16.60 -6.40 25.38
C GLN B 492 -16.88 -6.10 26.85
N ARG B 493 -16.42 -6.96 27.76
CA ARG B 493 -16.58 -6.75 29.18
C ARG B 493 -15.56 -5.74 29.72
N VAL B 494 -14.39 -5.64 29.09
CA VAL B 494 -13.43 -4.62 29.48
C VAL B 494 -13.96 -3.25 29.11
N ALA B 495 -14.68 -3.14 27.99
CA ALA B 495 -15.33 -1.88 27.64
C ALA B 495 -16.36 -1.49 28.68
N VAL B 496 -17.12 -2.47 29.19
CA VAL B 496 -18.10 -2.18 30.24
C VAL B 496 -17.40 -1.71 31.50
N ALA B 497 -16.31 -2.38 31.88
CA ALA B 497 -15.58 -1.98 33.07
C ALA B 497 -15.04 -0.57 32.94
N ARG B 498 -14.58 -0.21 31.75
CA ARG B 498 -14.12 1.15 31.51
C ARG B 498 -15.25 2.16 31.65
N ALA B 499 -16.44 1.82 31.13
CA ALA B 499 -17.56 2.76 31.18
C ALA B 499 -18.03 3.01 32.61
N LEU B 500 -18.07 1.97 33.45
CA LEU B 500 -18.62 2.09 34.78
C LEU B 500 -17.64 2.63 35.81
N LEU B 501 -16.37 2.78 35.45
CA LEU B 501 -15.39 3.27 36.42
C LEU B 501 -15.70 4.69 36.86
N ASN B 502 -16.09 5.54 35.93
CA ASN B 502 -16.35 6.91 36.33
C ASN B 502 -17.84 7.19 36.39
N PRO B 503 -18.29 8.00 37.35
CA PRO B 503 -19.69 8.43 37.35
C PRO B 503 -19.99 9.29 36.13
N CYS B 504 -21.23 9.23 35.69
CA CYS B 504 -21.63 9.93 34.48
C CYS B 504 -23.05 10.45 34.62
N SER B 505 -23.37 11.44 33.81
CA SER B 505 -24.73 11.97 33.74
C SER B 505 -25.56 11.30 32.68
N LEU B 506 -24.95 10.84 31.59
CA LEU B 506 -25.64 10.15 30.51
C LEU B 506 -24.79 8.95 30.09
N LEU B 507 -25.40 7.78 30.08
CA LEU B 507 -24.72 6.55 29.67
C LEU B 507 -25.32 6.08 28.37
N LEU B 508 -24.51 6.07 27.31
CA LEU B 508 -24.95 5.61 26.00
C LEU B 508 -24.42 4.21 25.76
N LEU B 509 -25.31 3.30 25.42
CA LEU B 509 -24.91 1.88 25.20
C LEU B 509 -25.36 1.48 23.80
N ASP B 510 -24.41 1.23 22.91
CA ASP B 510 -24.76 0.91 21.51
C ASP B 510 -24.46 -0.56 21.19
N GLU B 511 -25.50 -1.39 21.07
CA GLU B 511 -25.34 -2.82 20.71
C GLU B 511 -24.29 -3.46 21.60
N PRO B 512 -24.33 -3.29 22.94
CA PRO B 512 -23.29 -3.83 23.81
C PRO B 512 -23.21 -5.36 23.77
N ALA B 513 -24.35 -6.03 23.74
CA ALA B 513 -24.38 -7.51 23.75
C ALA B 513 -24.43 -8.09 22.33
N ALA B 514 -24.30 -7.25 21.29
CA ALA B 514 -24.36 -7.79 19.94
C ALA B 514 -23.04 -8.45 19.58
N SER B 515 -23.13 -9.65 19.02
CA SER B 515 -21.96 -10.44 18.60
C SER B 515 -21.05 -10.74 19.80
N LEU B 516 -21.64 -11.37 20.81
CA LEU B 516 -20.93 -11.94 21.94
C LEU B 516 -21.37 -13.38 22.13
N ASP B 517 -20.67 -14.07 23.03
CA ASP B 517 -21.02 -15.44 23.38
C ASP B 517 -22.33 -15.47 24.16
N ALA B 518 -22.90 -16.66 24.27
CA ALA B 518 -24.11 -16.80 25.07
C ALA B 518 -23.86 -16.48 26.53
N HIS B 519 -22.60 -16.58 26.97
CA HIS B 519 -22.23 -16.28 28.35
C HIS B 519 -21.84 -14.81 28.54
N SER B 520 -21.15 -14.23 27.56
CA SER B 520 -20.78 -12.83 27.67
C SER B 520 -22.00 -11.92 27.52
N GLU B 521 -23.03 -12.36 26.80
CA GLU B 521 -24.28 -11.61 26.76
C GLU B 521 -24.91 -11.52 28.14
N GLN B 522 -24.89 -12.63 28.89
CA GLN B 522 -25.46 -12.62 30.23
C GLN B 522 -24.69 -11.70 31.16
N ARG B 523 -23.36 -11.71 31.06
CA ARG B 523 -22.54 -10.94 31.97
C ARG B 523 -22.57 -9.45 31.64
N VAL B 524 -22.59 -9.12 30.35
CA VAL B 524 -22.62 -7.71 29.96
C VAL B 524 -23.95 -7.08 30.32
N MET B 525 -25.06 -7.72 29.94
CA MET B 525 -26.38 -7.17 30.27
C MET B 525 -26.68 -7.22 31.75
N GLU B 526 -26.11 -8.17 32.50
CA GLU B 526 -26.32 -8.16 33.94
C GLU B 526 -25.73 -6.91 34.55
N ALA B 527 -24.55 -6.50 34.09
CA ALA B 527 -23.91 -5.29 34.59
C ALA B 527 -24.56 -4.04 34.03
N LEU B 528 -24.93 -4.06 32.75
CA LEU B 528 -25.49 -2.87 32.11
C LEU B 528 -26.94 -2.63 32.51
N ASN B 529 -27.70 -3.68 32.82
CA ASN B 529 -29.05 -3.48 33.32
C ASN B 529 -29.02 -2.81 34.69
N ALA B 530 -28.06 -3.19 35.53
CA ALA B 530 -27.94 -2.57 36.84
C ALA B 530 -27.31 -1.18 36.78
N ALA B 531 -26.39 -0.97 35.82
CA ALA B 531 -25.73 0.32 35.70
C ALA B 531 -26.59 1.35 34.97
N SER B 532 -27.66 0.92 34.31
CA SER B 532 -28.54 1.83 33.62
C SER B 532 -29.53 2.52 34.54
N LEU B 533 -29.62 2.08 35.79
CA LEU B 533 -30.56 2.66 36.74
C LEU B 533 -29.94 3.77 37.58
N ARG B 534 -28.68 4.11 37.35
CA ARG B 534 -28.02 5.12 38.17
C ARG B 534 -28.05 6.51 37.54
N GLN B 535 -28.33 6.60 36.24
CA GLN B 535 -28.39 7.87 35.55
C GLN B 535 -29.19 7.70 34.26
N THR B 536 -29.27 8.77 33.47
CA THR B 536 -30.00 8.70 32.21
C THR B 536 -29.27 7.77 31.26
N THR B 537 -30.01 6.82 30.69
CA THR B 537 -29.44 5.79 29.84
C THR B 537 -30.19 5.73 28.52
N LEU B 538 -29.46 5.59 27.42
CA LEU B 538 -30.04 5.42 26.10
C LEU B 538 -29.33 4.23 25.45
N MET B 539 -30.04 3.11 25.31
CA MET B 539 -29.45 1.87 24.83
C MET B 539 -30.03 1.49 23.47
N VAL B 540 -29.15 1.06 22.57
CA VAL B 540 -29.52 0.56 21.26
C VAL B 540 -29.33 -0.94 21.27
N THR B 541 -30.34 -1.69 20.84
CA THR B 541 -30.29 -3.14 20.99
C THR B 541 -31.24 -3.80 20.00
N HIS B 542 -31.08 -5.11 19.86
CA HIS B 542 -32.07 -5.94 19.20
C HIS B 542 -32.50 -7.11 20.08
N GLN B 543 -32.06 -7.14 21.33
CA GLN B 543 -32.54 -8.19 22.27
C GLN B 543 -33.87 -7.66 22.82
N LEU B 544 -34.93 -7.77 22.02
CA LEU B 544 -36.20 -7.13 22.32
C LEU B 544 -36.94 -7.81 23.46
N GLU B 545 -36.69 -9.10 23.69
CA GLU B 545 -37.42 -9.80 24.74
C GLU B 545 -36.91 -9.44 26.14
N ASP B 546 -35.63 -9.12 26.27
CA ASP B 546 -35.07 -8.81 27.58
C ASP B 546 -35.57 -7.48 28.11
N LEU B 547 -35.94 -6.58 27.21
CA LEU B 547 -36.22 -5.18 27.52
C LEU B 547 -37.67 -4.91 27.92
N ALA B 548 -38.17 -5.70 28.85
CA ALA B 548 -39.53 -5.55 29.36
C ALA B 548 -39.63 -4.57 30.52
N ASP B 549 -38.50 -4.07 31.02
CA ASP B 549 -38.49 -3.23 32.22
C ASP B 549 -38.02 -1.81 31.96
N TRP B 550 -37.66 -1.46 30.73
CA TRP B 550 -37.16 -0.13 30.43
C TRP B 550 -38.29 0.87 30.30
N ASP B 551 -37.99 2.13 30.63
CA ASP B 551 -39.03 3.12 30.80
C ASP B 551 -39.74 3.45 29.50
N VAL B 552 -38.99 3.56 28.40
CA VAL B 552 -39.59 3.92 27.12
C VAL B 552 -38.84 3.18 26.01
N ILE B 553 -39.54 2.94 24.91
CA ILE B 553 -38.97 2.29 23.74
C ILE B 553 -39.20 3.21 22.55
N TRP B 554 -38.17 3.40 21.74
CA TRP B 554 -38.28 4.19 20.52
C TRP B 554 -38.01 3.27 19.34
N VAL B 555 -39.05 2.84 18.65
CA VAL B 555 -38.88 2.05 17.44
C VAL B 555 -38.54 3.02 16.33
N MET B 556 -37.32 2.91 15.80
CA MET B 556 -36.81 3.87 14.84
C MET B 556 -36.68 3.22 13.49
N GLN B 557 -37.31 3.83 12.48
CA GLN B 557 -37.25 3.28 11.10
C GLN B 557 -37.06 4.43 10.13
N ASP B 558 -36.17 4.25 9.15
CA ASP B 558 -35.90 5.22 8.10
C ASP B 558 -35.47 6.57 8.67
N GLY B 559 -34.74 6.56 9.78
CA GLY B 559 -34.27 7.78 10.38
C GLY B 559 -35.28 8.51 11.23
N ARG B 560 -36.46 7.95 11.46
CA ARG B 560 -37.49 8.58 12.25
C ARG B 560 -38.00 7.60 13.30
N ILE B 561 -38.47 8.15 14.42
CA ILE B 561 -39.05 7.37 15.49
C ILE B 561 -40.53 7.18 15.17
N ILE B 562 -40.90 5.96 14.80
CA ILE B 562 -42.27 5.72 14.33
C ILE B 562 -43.18 5.23 15.45
N GLU B 563 -42.62 4.68 16.53
CA GLU B 563 -43.44 4.15 17.61
C GLU B 563 -42.74 4.41 18.94
N GLN B 564 -43.51 4.85 19.94
CA GLN B 564 -43.01 5.08 21.28
C GLN B 564 -43.95 4.46 22.29
N GLY B 565 -43.38 3.98 23.38
CA GLY B 565 -44.19 3.46 24.47
C GLY B 565 -43.43 2.40 25.24
N ARG B 566 -44.10 1.88 26.26
CA ARG B 566 -43.52 0.84 27.09
C ARG B 566 -43.62 -0.52 26.38
N TYR B 567 -42.86 -1.49 26.89
CA TYR B 567 -42.88 -2.81 26.29
C TYR B 567 -44.21 -3.51 26.50
N ALA B 568 -44.88 -3.25 27.63
CA ALA B 568 -46.13 -3.92 27.92
C ALA B 568 -47.19 -3.60 26.88
N GLU B 569 -47.23 -2.35 26.40
CA GLU B 569 -48.22 -1.95 25.42
C GLU B 569 -47.77 -2.14 23.99
N LEU B 570 -46.46 -2.03 23.72
CA LEU B 570 -46.00 -2.12 22.33
C LEU B 570 -46.00 -3.55 21.82
N SER B 571 -45.66 -4.49 22.70
CA SER B 571 -45.58 -5.92 22.33
C SER B 571 -46.93 -6.41 21.80
N VAL B 572 -48.02 -6.02 22.45
CA VAL B 572 -49.36 -6.47 22.09
C VAL B 572 -50.10 -5.50 21.18
N ALA B 573 -49.50 -4.35 20.87
CA ALA B 573 -50.19 -3.38 20.02
C ALA B 573 -50.36 -3.90 18.61
N GLY B 574 -49.37 -4.65 18.10
CA GLY B 574 -49.43 -5.14 16.75
C GLY B 574 -48.87 -4.21 15.70
N GLY B 575 -48.04 -3.25 16.09
CA GLY B 575 -47.49 -2.30 15.16
C GLY B 575 -46.07 -2.63 14.73
N PRO B 576 -45.25 -1.59 14.53
CA PRO B 576 -43.86 -1.83 14.12
C PRO B 576 -43.05 -2.66 15.11
N PHE B 577 -43.29 -2.50 16.41
CA PHE B 577 -42.51 -3.24 17.39
C PHE B 577 -42.86 -4.72 17.36
N ALA B 578 -44.15 -5.05 17.23
CA ALA B 578 -44.56 -6.45 17.24
C ALA B 578 -43.94 -7.21 16.07
N THR B 579 -43.84 -6.56 14.90
CA THR B 579 -43.15 -7.17 13.78
C THR B 579 -41.68 -7.40 14.10
N LEU B 580 -41.03 -6.42 14.73
CA LEU B 580 -39.64 -6.59 15.13
C LEU B 580 -39.48 -7.67 16.18
N LEU B 581 -40.37 -7.70 17.18
CA LEU B 581 -40.30 -8.73 18.20
C LEU B 581 -40.54 -10.10 17.59
N ALA B 582 -41.50 -10.21 16.68
CA ALA B 582 -41.77 -11.49 16.02
C ALA B 582 -40.56 -11.94 15.23
N HIS B 583 -39.91 -11.03 14.51
CA HIS B 583 -38.72 -11.39 13.74
C HIS B 583 -37.57 -11.80 14.64
N ARG B 584 -37.40 -11.10 15.77
CA ARG B 584 -36.30 -11.41 16.67
C ARG B 584 -36.45 -12.80 17.28
N GLN B 585 -37.67 -13.18 17.63
CA GLN B 585 -37.89 -14.45 18.32
C GLN B 585 -37.65 -15.66 17.42
N GLU B 586 -37.50 -15.47 16.11
CA GLU B 586 -37.14 -16.59 15.25
C GLU B 586 -35.70 -17.03 15.48
N GLU B 587 -34.83 -16.11 15.85
CA GLU B 587 -33.43 -16.44 16.07
C GLU B 587 -33.28 -17.36 17.27
N ILE B 588 -32.41 -18.36 17.16
CA ILE B 588 -32.15 -19.27 18.26
C ILE B 588 -30.71 -19.13 18.76
FE HEB C . 10.72 3.47 -14.47
CHA HEB C . 13.72 5.42 -15.58
CHB HEB C . 12.87 1.06 -12.71
CHC HEB C . 7.71 1.60 -13.42
CHD HEB C . 8.40 5.91 -16.26
NA HEB C . 12.81 3.31 -14.23
C1A HEB C . 13.84 4.20 -14.76
C2A HEB C . 14.91 3.59 -14.28
C3A HEB C . 14.81 2.56 -13.60
C4A HEB C . 13.52 2.18 -13.43
CMA HEB C . 16.01 1.81 -13.01
CAA HEB C . 16.29 4.18 -14.58
CBA HEB C . 16.53 5.38 -13.69
CGA HEB C . 17.02 4.93 -12.32
O1A HEB C . 17.96 4.10 -12.23
O2A HEB C . 16.46 5.37 -11.28
NB HEB C . 10.37 1.69 -13.31
C1B HEB C . 11.40 0.84 -12.67
C2B HEB C . 10.63 -0.05 -12.13
C3B HEB C . 9.40 0.02 -12.24
C4B HEB C . 9.02 1.10 -13.00
CMB HEB C . 11.24 -1.18 -11.33
CAB HEB C . 8.44 -0.99 -11.64
CBB HEB C . 7.51 -0.28 -10.69
NC HEB C . 8.60 3.77 -14.83
C1C HEB C . 7.54 2.84 -14.27
C2C HEB C . 6.50 3.35 -14.68
C3C HEB C . 6.54 4.38 -15.36
C4C HEB C . 7.90 4.82 -15.57
CMC HEB C . 5.16 2.73 -14.34
CAC HEB C . 5.32 5.07 -15.91
CBC HEB C . 4.87 4.52 -17.25
ND HEB C . 10.94 5.42 -15.77
C1D HEB C . 9.87 6.19 -16.35
C2D HEB C . 10.61 7.13 -16.93
C3D HEB C . 11.99 7.16 -16.87
C4D HEB C . 12.34 5.98 -16.05
CMD HEB C . 9.92 8.21 -17.70
CAD HEB C . 12.94 8.18 -17.49
CBD HEB C . 13.62 8.98 -16.39
CGD HEB C . 14.97 9.47 -16.87
O1D HEB C . 16.02 8.86 -16.52
O2D HEB C . 15.05 10.48 -17.62
MG MG D . -25.48 1.32 14.82
PG ATP E . -26.82 -0.92 12.46
O1G ATP E . -28.11 -1.58 12.09
O2G ATP E . -25.66 -1.44 11.66
O3G ATP E . -26.56 -0.94 13.95
PB ATP E . -27.90 1.80 12.66
O1B ATP E . -29.28 1.29 12.71
O2B ATP E . -27.24 2.31 13.90
O3B ATP E . -26.97 0.63 12.07
PA ATP E . -26.71 4.06 11.24
O1A ATP E . -27.07 5.28 12.00
O2A ATP E . -25.35 3.49 11.45
O3A ATP E . -27.77 2.91 11.50
O5' ATP E . -26.90 4.35 9.68
C5' ATP E . -28.11 4.96 9.18
C4' ATP E . -27.95 5.25 7.71
O4' ATP E . -26.93 6.25 7.55
C3' ATP E . -27.44 4.06 6.89
O3' ATP E . -27.72 4.25 5.50
C2' ATP E . -25.94 4.17 7.16
O2' ATP E . -25.13 3.42 6.28
C1' ATP E . -25.76 5.67 7.00
N9 ATP E . -24.61 6.22 7.70
C8 ATP E . -24.22 5.94 8.99
N7 ATP E . -23.13 6.60 9.34
C5 ATP E . -22.79 7.33 8.21
C6 ATP E . -21.75 8.23 7.95
N6 ATP E . -20.80 8.55 8.82
N1 ATP E . -21.71 8.80 6.71
C2 ATP E . -22.67 8.48 5.83
N3 ATP E . -23.70 7.64 5.97
C4 ATP E . -23.71 7.10 7.20
#